data_7E5U
#
_entry.id   7E5U
#
_cell.length_a   91.206
_cell.length_b   150.481
_cell.length_c   99.333
_cell.angle_alpha   90.00
_cell.angle_beta   97.35
_cell.angle_gamma   90.00
#
_symmetry.space_group_name_H-M   'C 1 2 1'
#
loop_
_entity.id
_entity.type
_entity.pdbx_description
1 polymer Diels-Alderase
2 non-polymer GLYCEROL
3 non-polymer 'SULFATE ION'
4 non-polymer 'CHLORIDE ION'
5 water water
#
_entity_poly.entity_id   1
_entity_poly.type   'polypeptide(L)'
_entity_poly.pdbx_seq_one_letter_code
;GSHMSEPTSSSSLDITSNCIIETPLQPSDFLPKSANLFPKFPERISVDSWELWEFDTFDTNGSVAFGCSLYRDARGVEQG
GFHAEVNALWPDGTHWGETLYFAVSEVVENSDGTTGGKWLSKDGGSITFHIASDYTAAALDFNVPGKVSGTMELRNHANV
SPTSNLPASDAEAQLCPGVYYTFPMGPVATSVTATFSSVGANGESRELFISSGYGGMVRGWSARPWPTFMNDAYYVVAQV
GPYMLQILRTLGSVFVQHKPFAVARLYLDGSLVSAANTVVGDELTAHADDVKGDAVRLTKVQPDEKSQGLSGKFRDGNVG
YVLEFAKKDSEHGWTFQISHKRAVWSEPTSAPGPDGTGKSGWIEAISGGAKGENYEGHGFGGQLQIPVP
;
_entity_poly.pdbx_strand_id   A,B,C
#
loop_
_chem_comp.id
_chem_comp.type
_chem_comp.name
_chem_comp.formula
CL non-polymer 'CHLORIDE ION' 'Cl -1'
GOL non-polymer GLYCEROL 'C3 H8 O3'
SO4 non-polymer 'SULFATE ION' 'O4 S -2'
#
# COMPACT_ATOMS: atom_id res chain seq x y z
N GLU A 6 2.99 -40.49 -11.25
CA GLU A 6 2.28 -40.31 -12.52
C GLU A 6 1.82 -38.88 -12.76
N PRO A 7 2.67 -37.88 -12.47
CA PRO A 7 2.20 -36.49 -12.57
C PRO A 7 2.08 -36.02 -14.01
N THR A 8 0.96 -35.35 -14.31
CA THR A 8 0.74 -34.67 -15.58
C THR A 8 0.94 -33.15 -15.50
N SER A 9 0.91 -32.56 -14.31
CA SER A 9 1.22 -31.16 -14.07
C SER A 9 2.02 -31.14 -12.78
N SER A 10 3.05 -30.32 -12.75
CA SER A 10 3.89 -30.29 -11.55
C SER A 10 4.36 -28.87 -11.35
N SER A 11 4.33 -28.42 -10.10
CA SER A 11 4.82 -27.08 -9.74
C SER A 11 5.69 -27.24 -8.52
N SER A 12 6.97 -26.93 -8.64
CA SER A 12 7.88 -27.08 -7.53
C SER A 12 8.65 -25.78 -7.33
N LEU A 13 8.52 -25.19 -6.14
CA LEU A 13 9.17 -23.92 -5.80
C LEU A 13 10.18 -24.13 -4.67
N ASP A 14 11.35 -23.51 -4.83
CA ASP A 14 12.45 -23.62 -3.88
C ASP A 14 12.87 -22.21 -3.56
N ILE A 15 12.54 -21.77 -2.34
CA ILE A 15 13.00 -20.52 -1.73
C ILE A 15 14.42 -20.19 -2.14
N THR A 16 15.32 -21.19 -2.09
CA THR A 16 16.74 -20.93 -2.34
C THR A 16 16.98 -20.46 -3.77
N SER A 17 16.21 -20.98 -4.74
CA SER A 17 16.32 -20.51 -6.11
C SER A 17 15.63 -19.15 -6.23
N ASN A 18 15.41 -18.67 -7.45
CA ASN A 18 14.69 -17.41 -7.66
C ASN A 18 13.29 -17.73 -8.15
N CYS A 19 12.47 -18.16 -7.21
CA CYS A 19 11.07 -18.43 -7.48
C CYS A 19 10.16 -17.29 -7.03
N ILE A 20 10.73 -16.17 -6.58
CA ILE A 20 9.94 -15.08 -6.01
C ILE A 20 10.34 -13.77 -6.67
N ILE A 21 9.38 -13.11 -7.35
CA ILE A 21 9.68 -11.87 -8.03
C ILE A 21 9.02 -10.70 -7.29
N GLU A 22 9.61 -9.52 -7.40
CA GLU A 22 9.21 -8.37 -6.59
C GLU A 22 8.22 -7.43 -7.27
N THR A 23 7.73 -7.76 -8.44
CA THR A 23 6.65 -7.02 -9.08
C THR A 23 5.45 -7.96 -9.27
N PRO A 24 4.29 -7.43 -9.57
CA PRO A 24 3.07 -8.28 -9.54
C PRO A 24 3.04 -9.31 -10.66
N LEU A 25 2.36 -10.45 -10.39
CA LEU A 25 2.13 -11.52 -11.35
C LEU A 25 0.65 -11.83 -11.36
N GLN A 26 0.12 -12.05 -12.53
CA GLN A 26 -1.29 -12.45 -12.68
C GLN A 26 -1.41 -13.98 -12.53
N PRO A 27 -2.32 -14.49 -11.72
CA PRO A 27 -2.53 -15.94 -11.62
C PRO A 27 -3.11 -16.49 -12.93
N SER A 28 -2.96 -17.81 -13.12
CA SER A 28 -3.76 -18.46 -14.15
C SER A 28 -5.25 -18.27 -13.86
N ASP A 29 -6.06 -18.26 -14.92
CA ASP A 29 -7.49 -18.04 -14.78
C ASP A 29 -8.15 -19.10 -13.90
N PHE A 30 -9.18 -18.66 -13.21
CA PHE A 30 -10.05 -19.56 -12.47
C PHE A 30 -10.72 -20.53 -13.45
N LEU A 31 -10.78 -21.82 -13.05
CA LEU A 31 -11.40 -22.88 -13.84
C LEU A 31 -12.79 -23.18 -13.28
N PRO A 32 -13.89 -22.85 -13.98
CA PRO A 32 -15.23 -23.15 -13.46
C PRO A 32 -15.42 -24.64 -13.25
N LYS A 33 -16.19 -24.97 -12.21
CA LYS A 33 -16.52 -26.35 -11.83
C LYS A 33 -15.29 -27.21 -11.61
N SER A 34 -14.18 -26.61 -11.21
CA SER A 34 -12.99 -27.30 -10.79
C SER A 34 -12.69 -26.89 -9.35
N ALA A 35 -11.96 -27.74 -8.62
CA ALA A 35 -11.51 -27.33 -7.29
C ALA A 35 -10.33 -26.39 -7.37
N ASN A 36 -9.72 -26.24 -8.54
CA ASN A 36 -8.56 -25.34 -8.71
C ASN A 36 -7.44 -25.63 -7.70
N LEU A 37 -7.18 -26.92 -7.46
CA LEU A 37 -6.22 -27.29 -6.43
C LEU A 37 -4.78 -27.10 -6.89
N PHE A 38 -4.54 -27.16 -8.19
CA PHE A 38 -3.19 -26.95 -8.68
C PHE A 38 -2.81 -25.46 -8.52
N PRO A 39 -1.57 -25.16 -8.17
CA PRO A 39 -1.18 -23.75 -7.95
C PRO A 39 -1.56 -22.85 -9.11
N LYS A 40 -2.16 -21.70 -8.75
CA LYS A 40 -2.46 -20.65 -9.72
C LYS A 40 -1.26 -19.78 -10.05
N PHE A 41 -0.19 -19.86 -9.24
CA PHE A 41 1.12 -19.25 -9.55
C PHE A 41 2.15 -20.38 -9.68
N PRO A 42 2.09 -21.16 -10.78
CA PRO A 42 2.81 -22.44 -10.76
C PRO A 42 4.32 -22.35 -10.95
N GLU A 43 4.79 -21.32 -11.68
CA GLU A 43 6.22 -21.26 -11.97
C GLU A 43 7.01 -20.34 -11.03
N ARG A 44 6.34 -19.39 -10.43
CA ARG A 44 6.98 -18.41 -9.59
C ARG A 44 5.88 -17.64 -8.92
N ILE A 45 6.20 -17.08 -7.76
CA ILE A 45 5.23 -16.24 -7.07
C ILE A 45 5.81 -14.84 -7.03
N SER A 46 4.94 -13.88 -6.75
CA SER A 46 5.38 -12.52 -6.46
C SER A 46 5.44 -12.26 -4.96
N VAL A 47 6.05 -11.13 -4.58
CA VAL A 47 6.07 -10.77 -3.17
C VAL A 47 4.68 -10.47 -2.67
N ASP A 48 3.74 -10.23 -3.59
CA ASP A 48 2.35 -9.93 -3.23
C ASP A 48 1.47 -11.19 -3.17
N SER A 49 1.80 -12.19 -3.94
N SER A 49 1.84 -12.20 -3.94
CA SER A 49 0.85 -13.27 -4.19
CA SER A 49 0.98 -13.36 -4.17
C SER A 49 0.81 -14.29 -3.06
C SER A 49 0.75 -14.16 -2.89
N TRP A 50 -0.34 -14.92 -2.89
CA TRP A 50 -0.42 -15.97 -1.90
C TRP A 50 -1.36 -17.06 -2.39
N GLU A 51 -1.13 -18.27 -1.91
CA GLU A 51 -2.03 -19.39 -2.16
C GLU A 51 -2.13 -20.19 -0.87
N LEU A 52 -3.31 -20.74 -0.64
CA LEU A 52 -3.62 -21.42 0.62
C LEU A 52 -4.29 -22.74 0.34
N TRP A 53 -3.84 -23.80 1.08
CA TRP A 53 -4.51 -25.09 1.18
C TRP A 53 -4.60 -25.39 2.66
N GLU A 54 -5.81 -25.39 3.18
CA GLU A 54 -6.02 -25.45 4.64
C GLU A 54 -6.98 -26.60 4.99
N PHE A 55 -6.65 -27.31 6.08
CA PHE A 55 -7.40 -28.49 6.51
C PHE A 55 -7.53 -28.42 8.03
N ASP A 56 -8.76 -28.24 8.50
CA ASP A 56 -9.04 -28.07 9.92
C ASP A 56 -9.99 -29.14 10.44
N THR A 57 -9.81 -29.49 11.72
CA THR A 57 -10.57 -30.58 12.35
C THR A 57 -10.90 -30.25 13.80
N PHE A 58 -12.03 -30.79 14.25
CA PHE A 58 -12.37 -30.70 15.68
C PHE A 58 -13.28 -31.86 16.05
N ASP A 59 -13.31 -32.21 17.34
CA ASP A 59 -14.17 -33.35 17.69
C ASP A 59 -15.62 -32.92 17.88
N THR A 60 -16.54 -33.90 17.96
CA THR A 60 -17.94 -33.56 18.10
C THR A 60 -18.26 -32.93 19.47
N ASN A 61 -17.40 -33.08 20.47
CA ASN A 61 -17.66 -32.51 21.79
C ASN A 61 -17.06 -31.10 21.95
N GLY A 62 -16.42 -30.58 20.93
CA GLY A 62 -15.73 -29.29 21.04
C GLY A 62 -14.68 -29.25 22.14
N SER A 63 -13.89 -30.33 22.29
CA SER A 63 -12.80 -30.39 23.27
C SER A 63 -11.41 -30.55 22.66
N VAL A 64 -11.32 -30.88 21.36
CA VAL A 64 -10.05 -31.15 20.69
C VAL A 64 -10.16 -30.42 19.35
N ALA A 65 -9.06 -29.76 18.97
CA ALA A 65 -8.95 -29.22 17.61
C ALA A 65 -7.56 -29.44 17.07
N PHE A 66 -7.44 -29.52 15.72
CA PHE A 66 -6.15 -29.62 15.06
C PHE A 66 -6.36 -29.04 13.66
N GLY A 67 -5.57 -28.04 13.32
CA GLY A 67 -5.66 -27.44 12.00
C GLY A 67 -4.29 -27.23 11.43
N CYS A 68 -4.22 -27.27 10.09
CA CYS A 68 -2.99 -27.08 9.35
C CYS A 68 -3.32 -26.20 8.14
N SER A 69 -2.68 -25.04 8.06
CA SER A 69 -2.76 -24.20 6.86
C SER A 69 -1.42 -24.19 6.14
N LEU A 70 -1.42 -24.61 4.86
CA LEU A 70 -0.22 -24.66 4.03
C LEU A 70 -0.28 -23.48 3.07
N TYR A 71 0.75 -22.66 3.09
CA TYR A 71 0.81 -21.45 2.27
C TYR A 71 1.95 -21.50 1.28
N ARG A 72 1.70 -20.91 0.10
CA ARG A 72 2.77 -20.41 -0.78
C ARG A 72 2.66 -18.91 -0.79
N ASP A 73 3.70 -18.24 -0.28
CA ASP A 73 3.78 -16.80 -0.32
C ASP A 73 5.22 -16.46 0.07
N ALA A 74 5.54 -15.17 0.10
CA ALA A 74 6.90 -14.74 0.41
C ALA A 74 7.07 -14.38 1.88
N ARG A 75 6.05 -14.62 2.72
CA ARG A 75 6.09 -14.13 4.10
C ARG A 75 7.21 -14.75 4.91
N GLY A 76 7.61 -15.99 4.61
CA GLY A 76 8.55 -16.71 5.45
C GLY A 76 9.94 -16.77 4.88
N VAL A 77 10.22 -16.06 3.81
CA VAL A 77 11.49 -16.25 3.12
C VAL A 77 12.67 -16.04 4.07
N GLU A 78 12.64 -14.96 4.87
CA GLU A 78 13.87 -14.71 5.63
C GLU A 78 13.96 -15.63 6.83
N GLN A 79 12.88 -16.34 7.14
CA GLN A 79 12.87 -17.44 8.09
C GLN A 79 13.09 -18.79 7.43
N GLY A 80 13.39 -18.82 6.14
CA GLY A 80 13.93 -20.00 5.50
C GLY A 80 12.97 -20.82 4.66
N GLY A 81 11.73 -20.39 4.44
CA GLY A 81 10.95 -21.13 3.48
C GLY A 81 9.49 -20.72 3.45
N PHE A 82 8.69 -21.65 2.96
CA PHE A 82 7.24 -21.51 2.91
C PHE A 82 6.64 -21.93 4.25
N HIS A 83 5.61 -21.20 4.69
CA HIS A 83 5.12 -21.43 6.04
C HIS A 83 3.88 -22.30 6.07
N ALA A 84 3.81 -23.13 7.10
CA ALA A 84 2.62 -23.87 7.46
C ALA A 84 2.26 -23.50 8.89
N GLU A 85 1.00 -23.31 9.16
CA GLU A 85 0.52 -22.94 10.49
C GLU A 85 -0.11 -24.17 11.08
N VAL A 86 0.43 -24.68 12.20
CA VAL A 86 -0.12 -25.88 12.81
C VAL A 86 -0.54 -25.55 14.22
N ASN A 87 -1.80 -25.83 14.54
CA ASN A 87 -2.37 -25.51 15.86
C ASN A 87 -3.18 -26.68 16.39
N ALA A 88 -3.04 -26.93 17.69
CA ALA A 88 -3.73 -28.05 18.32
C ALA A 88 -4.21 -27.63 19.72
N LEU A 89 -5.36 -28.17 20.13
CA LEU A 89 -5.90 -27.95 21.48
C LEU A 89 -6.31 -29.30 22.07
N TRP A 90 -5.90 -29.53 23.36
CA TRP A 90 -6.21 -30.72 24.15
C TRP A 90 -7.35 -30.43 25.10
N PRO A 91 -7.99 -31.48 25.60
CA PRO A 91 -9.17 -31.30 26.45
C PRO A 91 -8.88 -30.63 27.80
N ASP A 92 -7.63 -30.60 28.26
CA ASP A 92 -7.32 -29.88 29.49
C ASP A 92 -6.99 -28.43 29.22
N GLY A 93 -7.16 -27.98 27.97
CA GLY A 93 -6.91 -26.60 27.62
C GLY A 93 -5.50 -26.30 27.17
N THR A 94 -4.60 -27.29 27.17
CA THR A 94 -3.24 -27.08 26.72
C THR A 94 -3.25 -26.88 25.20
N HIS A 95 -2.40 -25.99 24.70
CA HIS A 95 -2.39 -25.79 23.25
C HIS A 95 -0.96 -25.80 22.73
N TRP A 96 -0.85 -26.14 21.45
CA TRP A 96 0.43 -26.23 20.76
C TRP A 96 0.23 -25.47 19.46
N GLY A 97 1.12 -24.52 19.17
CA GLY A 97 0.96 -23.80 17.91
C GLY A 97 2.31 -23.41 17.41
N GLU A 98 2.62 -23.69 16.14
CA GLU A 98 3.88 -23.18 15.62
C GLU A 98 3.68 -22.83 14.16
N THR A 99 4.45 -21.84 13.71
CA THR A 99 4.67 -21.65 12.28
C THR A 99 5.89 -22.46 11.92
N LEU A 100 5.75 -23.37 10.95
CA LEU A 100 6.82 -24.26 10.53
C LEU A 100 7.28 -23.81 9.13
N TYR A 101 8.59 -23.82 8.87
CA TYR A 101 9.12 -23.33 7.58
C TYR A 101 9.74 -24.45 6.74
N PHE A 102 9.47 -24.43 5.44
CA PHE A 102 9.92 -25.49 4.53
C PHE A 102 10.50 -24.87 3.29
N ALA A 103 11.73 -25.29 2.95
CA ALA A 103 12.43 -24.64 1.84
C ALA A 103 11.77 -24.90 0.48
N VAL A 104 11.08 -26.03 0.33
CA VAL A 104 10.57 -26.50 -0.96
C VAL A 104 9.07 -26.77 -0.78
N SER A 105 8.27 -26.33 -1.75
CA SER A 105 6.84 -26.65 -1.80
C SER A 105 6.53 -27.20 -3.18
N GLU A 106 5.97 -28.41 -3.24
CA GLU A 106 5.70 -29.08 -4.50
C GLU A 106 4.23 -29.47 -4.53
N VAL A 107 3.57 -29.23 -5.66
CA VAL A 107 2.17 -29.64 -5.87
C VAL A 107 2.09 -30.25 -7.26
N VAL A 108 1.43 -31.39 -7.35
CA VAL A 108 1.35 -32.13 -8.60
C VAL A 108 -0.09 -32.53 -8.81
N GLU A 109 -0.50 -32.63 -10.07
CA GLU A 109 -1.75 -33.27 -10.44
C GLU A 109 -1.39 -34.55 -11.19
N ASN A 110 -1.99 -35.66 -10.79
CA ASN A 110 -1.61 -36.96 -11.34
C ASN A 110 -2.56 -37.36 -12.47
N SER A 111 -2.10 -38.32 -13.28
CA SER A 111 -2.93 -38.80 -14.38
C SER A 111 -4.29 -39.28 -13.87
N ASP A 112 -4.31 -39.96 -12.71
CA ASP A 112 -5.57 -40.42 -12.15
C ASP A 112 -6.45 -39.28 -11.62
N GLY A 113 -6.02 -38.01 -11.73
CA GLY A 113 -6.84 -36.90 -11.32
C GLY A 113 -6.65 -36.48 -9.87
N THR A 114 -5.89 -37.25 -9.10
CA THR A 114 -5.57 -36.86 -7.72
C THR A 114 -4.53 -35.72 -7.72
N THR A 115 -4.51 -34.99 -6.61
CA THR A 115 -3.62 -33.86 -6.40
C THR A 115 -2.77 -34.20 -5.18
N GLY A 116 -1.46 -34.00 -5.29
CA GLY A 116 -0.56 -34.20 -4.16
C GLY A 116 0.22 -32.93 -3.87
N GLY A 117 0.47 -32.66 -2.58
CA GLY A 117 1.30 -31.54 -2.20
C GLY A 117 2.31 -31.98 -1.16
N LYS A 118 3.49 -31.34 -1.20
CA LYS A 118 4.56 -31.63 -0.25
C LYS A 118 5.29 -30.36 0.13
N TRP A 119 5.29 -30.04 1.40
CA TRP A 119 6.12 -28.98 1.95
C TRP A 119 7.29 -29.71 2.59
N LEU A 120 8.50 -29.40 2.13
CA LEU A 120 9.67 -30.23 2.42
C LEU A 120 10.84 -29.40 2.92
N SER A 121 11.44 -29.84 4.02
CA SER A 121 12.51 -29.10 4.67
C SER A 121 13.86 -29.71 4.31
N LYS A 122 14.90 -28.90 4.48
CA LYS A 122 16.23 -29.41 4.17
C LYS A 122 16.54 -30.65 5.00
N ASP A 123 16.07 -30.71 6.25
CA ASP A 123 16.36 -31.80 7.17
C ASP A 123 15.55 -33.07 6.90
N GLY A 124 14.83 -33.13 5.78
CA GLY A 124 13.99 -34.28 5.46
C GLY A 124 12.57 -34.23 6.01
N GLY A 125 12.30 -33.38 7.00
CA GLY A 125 10.95 -33.23 7.49
C GLY A 125 9.99 -32.80 6.40
N SER A 126 8.72 -33.07 6.61
CA SER A 126 7.79 -32.67 5.56
C SER A 126 6.37 -32.72 6.10
N ILE A 127 5.50 -31.97 5.43
CA ILE A 127 4.06 -32.16 5.51
C ILE A 127 3.54 -32.42 4.10
N THR A 128 2.76 -33.48 3.91
CA THR A 128 2.27 -33.80 2.57
C THR A 128 0.76 -33.90 2.59
N PHE A 129 0.12 -33.67 1.44
CA PHE A 129 -1.32 -33.88 1.34
C PHE A 129 -1.64 -34.63 0.05
N HIS A 130 -2.80 -35.27 0.03
CA HIS A 130 -3.22 -36.06 -1.12
C HIS A 130 -4.72 -35.98 -1.19
N ILE A 131 -5.25 -35.60 -2.36
CA ILE A 131 -6.66 -35.28 -2.50
C ILE A 131 -7.25 -36.08 -3.65
N ALA A 132 -8.41 -36.68 -3.41
CA ALA A 132 -9.07 -37.55 -4.38
C ALA A 132 -9.40 -36.78 -5.65
N SER A 133 -9.48 -37.53 -6.76
CA SER A 133 -9.82 -36.88 -8.03
C SER A 133 -11.20 -36.25 -8.01
N ASP A 134 -12.14 -36.80 -7.22
CA ASP A 134 -13.47 -36.22 -7.13
C ASP A 134 -13.66 -35.38 -5.87
N TYR A 135 -12.55 -35.10 -5.16
CA TYR A 135 -12.49 -34.21 -4.01
C TYR A 135 -13.25 -34.77 -2.81
N THR A 136 -13.52 -36.07 -2.77
CA THR A 136 -14.28 -36.59 -1.62
C THR A 136 -13.41 -37.06 -0.45
N ALA A 137 -12.10 -37.08 -0.57
CA ALA A 137 -11.22 -37.49 0.52
C ALA A 137 -9.94 -36.70 0.41
N ALA A 138 -9.36 -36.36 1.58
CA ALA A 138 -8.05 -35.75 1.62
C ALA A 138 -7.29 -36.37 2.76
N ALA A 139 -5.99 -36.55 2.60
CA ALA A 139 -5.18 -37.08 3.66
C ALA A 139 -3.90 -36.27 3.78
N LEU A 140 -3.50 -35.96 5.01
CA LEU A 140 -2.24 -35.30 5.28
C LEU A 140 -1.35 -36.20 6.09
N ASP A 141 -0.05 -36.14 5.82
CA ASP A 141 0.95 -36.82 6.63
C ASP A 141 1.92 -35.80 7.17
N PHE A 142 2.12 -35.83 8.50
CA PHE A 142 3.07 -34.95 9.17
C PHE A 142 4.32 -35.73 9.56
N ASN A 143 5.48 -35.24 9.14
CA ASN A 143 6.75 -35.84 9.56
C ASN A 143 7.76 -34.74 9.79
N VAL A 144 7.60 -34.06 10.92
CA VAL A 144 8.41 -32.91 11.28
C VAL A 144 9.21 -33.29 12.52
N PRO A 145 10.45 -33.73 12.37
CA PRO A 145 11.22 -34.21 13.53
C PRO A 145 11.29 -33.18 14.63
N GLY A 146 11.06 -33.64 15.86
CA GLY A 146 11.11 -32.78 17.03
C GLY A 146 9.91 -31.90 17.22
N LYS A 147 8.93 -31.95 16.31
CA LYS A 147 7.78 -31.06 16.40
C LYS A 147 6.49 -31.88 16.42
N VAL A 148 6.14 -32.52 15.31
CA VAL A 148 4.85 -33.19 15.19
C VAL A 148 4.96 -34.27 14.12
N SER A 149 4.37 -35.43 14.40
CA SER A 149 4.23 -36.47 13.38
C SER A 149 2.83 -37.03 13.45
N GLY A 150 2.37 -37.59 12.34
CA GLY A 150 1.05 -38.20 12.38
C GLY A 150 0.29 -38.03 11.08
N THR A 151 -1.03 -38.25 11.14
CA THR A 151 -1.87 -38.25 9.97
C THR A 151 -3.16 -37.52 10.29
N MET A 152 -3.77 -36.99 9.23
CA MET A 152 -5.09 -36.38 9.30
C MET A 152 -5.89 -36.81 8.09
N GLU A 153 -7.20 -37.01 8.25
CA GLU A 153 -8.01 -37.41 7.10
C GLU A 153 -9.33 -36.66 7.13
N LEU A 154 -9.81 -36.24 5.96
CA LEU A 154 -11.11 -35.58 5.76
C LEU A 154 -11.88 -36.34 4.70
N ARG A 155 -13.15 -36.67 4.96
CA ARG A 155 -13.90 -37.47 4.00
C ARG A 155 -15.32 -36.94 3.86
N ASN A 156 -15.77 -36.81 2.62
CA ASN A 156 -17.10 -36.33 2.28
C ASN A 156 -17.95 -37.54 1.91
N HIS A 157 -19.14 -37.62 2.51
CA HIS A 157 -20.03 -38.77 2.31
C HIS A 157 -21.39 -38.34 1.77
N ALA A 158 -21.47 -37.17 1.15
CA ALA A 158 -22.74 -36.63 0.70
C ALA A 158 -23.30 -37.43 -0.46
N ASN A 159 -24.63 -37.44 -0.56
CA ASN A 159 -25.29 -37.98 -1.74
C ASN A 159 -25.00 -37.13 -2.97
N VAL A 160 -24.85 -35.83 -2.80
CA VAL A 160 -24.47 -34.91 -3.85
C VAL A 160 -22.95 -34.79 -3.87
N SER A 161 -22.36 -34.86 -5.08
CA SER A 161 -20.92 -34.85 -5.19
C SER A 161 -20.38 -33.45 -4.89
N PRO A 162 -19.17 -33.34 -4.37
CA PRO A 162 -18.53 -32.01 -4.30
C PRO A 162 -18.60 -31.27 -5.64
N THR A 163 -18.39 -31.99 -6.74
CA THR A 163 -18.34 -31.31 -8.04
C THR A 163 -19.65 -30.57 -8.33
N SER A 164 -20.79 -31.12 -7.93
CA SER A 164 -22.02 -30.42 -8.28
C SER A 164 -22.14 -29.08 -7.55
N ASN A 165 -21.41 -28.90 -6.46
CA ASN A 165 -21.51 -27.66 -5.70
C ASN A 165 -20.39 -26.65 -6.00
N LEU A 166 -19.41 -27.00 -6.84
CA LEU A 166 -18.27 -26.11 -7.14
C LEU A 166 -18.72 -24.84 -7.84
N PRO A 167 -18.03 -23.71 -7.60
CA PRO A 167 -18.42 -22.47 -8.26
C PRO A 167 -18.29 -22.61 -9.76
N ALA A 168 -19.26 -22.02 -10.43
CA ALA A 168 -19.41 -22.09 -11.87
C ALA A 168 -18.90 -20.82 -12.54
N SER A 169 -18.54 -19.80 -11.75
CA SER A 169 -18.09 -18.53 -12.30
C SER A 169 -17.09 -17.90 -11.34
N ASP A 170 -16.30 -16.95 -11.86
CA ASP A 170 -15.38 -16.20 -10.98
C ASP A 170 -16.14 -15.60 -9.80
N ALA A 171 -17.29 -14.98 -10.06
CA ALA A 171 -17.97 -14.32 -8.94
C ALA A 171 -18.35 -15.31 -7.83
N GLU A 172 -18.76 -16.55 -8.19
CA GLU A 172 -19.07 -17.54 -7.12
C GLU A 172 -17.84 -18.06 -6.41
N ALA A 173 -16.65 -17.84 -6.97
CA ALA A 173 -15.41 -18.27 -6.37
C ALA A 173 -14.69 -17.14 -5.61
N GLN A 174 -15.21 -15.91 -5.66
CA GLN A 174 -14.49 -14.74 -5.16
C GLN A 174 -15.09 -14.18 -3.87
N LEU A 175 -14.17 -13.74 -3.00
CA LEU A 175 -14.50 -12.82 -1.93
C LEU A 175 -14.74 -11.42 -2.48
N CYS A 176 -13.92 -10.99 -3.43
CA CYS A 176 -13.98 -9.66 -4.03
C CYS A 176 -13.10 -9.80 -5.26
N PRO A 177 -13.03 -8.78 -6.12
CA PRO A 177 -12.35 -8.99 -7.40
C PRO A 177 -10.91 -9.39 -7.18
N GLY A 178 -10.54 -10.48 -7.83
CA GLY A 178 -9.18 -10.96 -7.71
C GLY A 178 -8.84 -11.74 -6.44
N VAL A 179 -9.75 -11.93 -5.48
CA VAL A 179 -9.43 -12.70 -4.25
C VAL A 179 -10.34 -13.93 -4.27
N TYR A 180 -9.76 -15.10 -4.45
CA TYR A 180 -10.50 -16.34 -4.58
C TYR A 180 -10.48 -17.10 -3.26
N TYR A 181 -11.66 -17.56 -2.84
CA TYR A 181 -11.74 -18.28 -1.56
C TYR A 181 -12.84 -19.30 -1.71
N THR A 182 -12.51 -20.58 -1.53
CA THR A 182 -13.42 -21.65 -1.94
C THR A 182 -13.35 -22.76 -0.91
N PHE A 183 -14.42 -23.56 -0.89
CA PHE A 183 -14.56 -24.69 0.03
C PHE A 183 -14.93 -25.94 -0.77
N PRO A 184 -13.96 -26.54 -1.47
CA PRO A 184 -14.32 -27.50 -2.54
C PRO A 184 -14.77 -28.85 -2.01
N MET A 185 -14.51 -29.19 -0.75
CA MET A 185 -14.95 -30.50 -0.25
C MET A 185 -16.31 -30.49 0.40
N GLY A 186 -16.82 -29.33 0.82
CA GLY A 186 -18.09 -29.30 1.51
C GLY A 186 -18.00 -30.07 2.82
N PRO A 187 -19.13 -30.67 3.23
CA PRO A 187 -19.19 -31.33 4.55
C PRO A 187 -18.29 -32.54 4.63
N VAL A 188 -17.50 -32.61 5.69
CA VAL A 188 -16.55 -33.70 5.85
C VAL A 188 -16.57 -34.28 7.27
N ALA A 189 -16.29 -35.58 7.35
CA ALA A 189 -16.00 -36.24 8.61
C ALA A 189 -14.49 -36.31 8.72
N THR A 190 -13.94 -36.18 9.93
CA THR A 190 -12.50 -36.05 10.07
C THR A 190 -11.89 -37.03 11.07
N SER A 191 -10.58 -37.28 10.92
CA SER A 191 -9.85 -37.98 11.96
C SER A 191 -8.44 -37.45 12.00
N VAL A 192 -7.83 -37.57 13.17
CA VAL A 192 -6.45 -37.16 13.42
C VAL A 192 -5.83 -38.20 14.33
N THR A 193 -4.58 -38.57 14.02
CA THR A 193 -3.74 -39.34 14.92
C THR A 193 -2.35 -38.70 14.88
N ALA A 194 -1.97 -37.99 15.93
CA ALA A 194 -0.68 -37.29 15.89
C ALA A 194 0.02 -37.36 17.24
N THR A 195 1.33 -37.13 17.19
CA THR A 195 2.19 -37.11 18.36
C THR A 195 3.01 -35.83 18.30
N PHE A 196 3.04 -35.08 19.40
CA PHE A 196 3.79 -33.84 19.50
C PHE A 196 4.93 -34.09 20.47
N SER A 197 6.13 -33.65 20.10
CA SER A 197 7.32 -33.90 20.93
C SER A 197 7.26 -33.15 22.27
N SER A 198 6.87 -31.88 22.26
CA SER A 198 6.91 -31.06 23.47
C SER A 198 5.66 -30.20 23.54
N VAL A 199 4.82 -30.43 24.55
CA VAL A 199 3.55 -29.78 24.71
C VAL A 199 3.48 -29.15 26.10
N GLY A 200 2.99 -27.93 26.18
CA GLY A 200 2.66 -27.33 27.46
C GLY A 200 3.88 -26.85 28.22
N ALA A 201 3.61 -26.24 29.38
CA ALA A 201 4.68 -25.67 30.19
C ALA A 201 5.68 -26.72 30.65
N ASN A 202 5.33 -28.00 30.63
CA ASN A 202 6.29 -29.04 31.01
C ASN A 202 7.13 -29.55 29.84
N GLY A 203 6.79 -29.20 28.60
CA GLY A 203 7.59 -29.64 27.47
C GLY A 203 7.60 -31.14 27.26
N GLU A 204 6.52 -31.82 27.60
CA GLU A 204 6.47 -33.26 27.53
C GLU A 204 5.64 -33.71 26.34
N SER A 205 5.86 -34.96 25.92
CA SER A 205 5.23 -35.49 24.73
C SER A 205 3.76 -35.78 25.00
N ARG A 206 2.92 -35.55 23.98
CA ARG A 206 1.50 -35.90 24.02
C ARG A 206 1.07 -36.39 22.65
N GLU A 207 0.03 -37.19 22.67
CA GLU A 207 -0.67 -37.65 21.49
C GLU A 207 -2.00 -36.93 21.41
N LEU A 208 -2.54 -36.86 20.19
CA LEU A 208 -3.80 -36.20 19.97
C LEU A 208 -4.62 -37.05 19.02
N PHE A 209 -5.87 -37.31 19.38
CA PHE A 209 -6.75 -38.15 18.58
C PHE A 209 -8.07 -37.47 18.33
N ILE A 210 -8.52 -37.48 17.08
CA ILE A 210 -9.88 -37.17 16.72
C ILE A 210 -10.34 -38.30 15.83
N SER A 211 -11.62 -38.66 15.95
CA SER A 211 -12.19 -39.74 15.15
C SER A 211 -13.67 -39.45 14.93
N SER A 212 -14.13 -39.51 13.66
CA SER A 212 -15.51 -39.17 13.33
C SER A 212 -15.82 -37.76 13.79
N GLY A 213 -14.86 -36.86 13.58
CA GLY A 213 -15.03 -35.47 13.95
C GLY A 213 -15.56 -34.65 12.79
N TYR A 214 -15.49 -33.32 12.95
CA TYR A 214 -16.01 -32.37 11.97
C TYR A 214 -14.86 -31.52 11.48
N GLY A 215 -15.13 -30.57 10.57
CA GLY A 215 -14.04 -29.74 10.08
C GLY A 215 -14.29 -29.26 8.64
N GLY A 216 -13.20 -28.92 7.97
CA GLY A 216 -13.40 -28.41 6.61
C GLY A 216 -12.10 -28.07 5.92
N MET A 217 -12.21 -27.87 4.60
CA MET A 217 -11.05 -27.57 3.77
C MET A 217 -11.26 -26.21 3.11
N VAL A 218 -10.18 -25.42 3.03
CA VAL A 218 -10.21 -24.15 2.26
C VAL A 218 -9.13 -24.17 1.19
N ARG A 219 -9.50 -23.67 0.02
CA ARG A 219 -8.56 -23.45 -1.07
C ARG A 219 -8.71 -21.97 -1.48
N GLY A 220 -7.65 -21.15 -1.34
CA GLY A 220 -7.78 -19.75 -1.72
C GLY A 220 -6.52 -19.25 -2.39
N TRP A 221 -6.64 -18.13 -3.11
CA TRP A 221 -5.44 -17.55 -3.71
C TRP A 221 -5.73 -16.10 -4.13
N SER A 222 -4.66 -15.32 -4.28
CA SER A 222 -4.85 -13.97 -4.85
C SER A 222 -3.50 -13.39 -5.21
N ALA A 223 -3.53 -12.47 -6.19
CA ALA A 223 -2.42 -11.54 -6.36
C ALA A 223 -2.46 -10.32 -5.41
N ARG A 224 -3.56 -10.13 -4.68
CA ARG A 224 -3.73 -8.94 -3.82
C ARG A 224 -3.35 -9.28 -2.39
N PRO A 225 -2.45 -8.54 -1.77
CA PRO A 225 -2.10 -8.81 -0.37
C PRO A 225 -3.21 -8.44 0.57
N TRP A 226 -3.27 -9.17 1.67
N TRP A 226 -3.26 -9.15 1.69
CA TRP A 226 -4.39 -8.99 2.60
CA TRP A 226 -4.40 -8.99 2.59
C TRP A 226 -4.62 -7.55 3.02
C TRP A 226 -4.63 -7.59 3.10
N PRO A 227 -3.61 -6.80 3.49
CA PRO A 227 -3.90 -5.43 3.92
C PRO A 227 -4.57 -4.56 2.85
N THR A 228 -4.49 -4.91 1.57
CA THR A 228 -5.08 -4.03 0.55
C THR A 228 -6.58 -4.27 0.41
N PHE A 229 -7.14 -5.33 1.05
CA PHE A 229 -8.60 -5.48 1.02
C PHE A 229 -9.25 -5.79 2.35
N MET A 230 -8.50 -5.83 3.45
CA MET A 230 -9.13 -6.12 4.74
C MET A 230 -8.28 -5.59 5.90
N ASN A 231 -8.96 -5.27 7.02
CA ASN A 231 -8.23 -5.08 8.26
C ASN A 231 -8.85 -5.88 9.40
N ASP A 232 -9.87 -6.72 9.12
CA ASP A 232 -10.50 -7.55 10.18
C ASP A 232 -11.14 -8.74 9.43
N ALA A 233 -11.02 -9.93 9.97
CA ALA A 233 -11.63 -11.08 9.29
C ALA A 233 -12.08 -12.09 10.33
N TYR A 234 -13.11 -12.85 9.96
CA TYR A 234 -13.58 -13.97 10.78
C TYR A 234 -13.81 -15.13 9.83
N TYR A 235 -13.38 -16.31 10.26
CA TYR A 235 -13.55 -17.54 9.49
C TYR A 235 -14.04 -18.60 10.48
N VAL A 236 -15.09 -19.35 10.07
CA VAL A 236 -15.44 -20.52 10.88
C VAL A 236 -15.93 -21.64 9.96
N VAL A 237 -15.67 -22.89 10.39
CA VAL A 237 -16.35 -24.08 9.85
C VAL A 237 -17.09 -24.75 11.00
N ALA A 238 -18.31 -25.19 10.75
CA ALA A 238 -19.08 -25.66 11.90
C ALA A 238 -20.08 -26.71 11.49
N GLN A 239 -20.52 -27.46 12.49
CA GLN A 239 -21.63 -28.42 12.35
C GLN A 239 -22.63 -28.09 13.44
N VAL A 240 -23.88 -27.88 13.06
CA VAL A 240 -24.95 -27.48 13.99
C VAL A 240 -26.16 -28.36 13.67
N GLY A 241 -26.33 -29.44 14.42
CA GLY A 241 -27.36 -30.38 14.03
C GLY A 241 -27.03 -30.89 12.63
N PRO A 242 -28.01 -30.81 11.73
CA PRO A 242 -27.79 -31.30 10.36
C PRO A 242 -27.09 -30.28 9.49
N TYR A 243 -26.87 -29.07 10.00
CA TYR A 243 -26.29 -28.01 9.19
C TYR A 243 -24.80 -28.07 9.26
N MET A 244 -24.16 -27.86 8.11
CA MET A 244 -22.73 -27.64 8.06
C MET A 244 -22.52 -26.28 7.40
N LEU A 245 -21.69 -25.45 8.00
CA LEU A 245 -21.55 -24.11 7.46
C LEU A 245 -20.08 -23.73 7.48
N GLN A 246 -19.73 -22.83 6.56
CA GLN A 246 -18.33 -22.43 6.42
C GLN A 246 -18.38 -21.02 5.87
N ILE A 247 -17.61 -20.10 6.46
CA ILE A 247 -17.72 -18.70 6.03
C ILE A 247 -16.41 -17.99 6.30
N LEU A 248 -16.00 -17.14 5.34
CA LEU A 248 -15.03 -16.07 5.58
C LEU A 248 -15.76 -14.75 5.43
N ARG A 249 -15.61 -13.84 6.40
CA ARG A 249 -16.12 -12.48 6.21
C ARG A 249 -14.97 -11.52 6.51
N THR A 250 -14.71 -10.59 5.57
CA THR A 250 -13.71 -9.56 5.84
C THR A 250 -14.38 -8.20 5.98
N LEU A 251 -13.75 -7.36 6.80
CA LEU A 251 -14.09 -5.93 6.88
C LEU A 251 -12.97 -5.15 6.23
N GLY A 252 -13.32 -4.17 5.36
CA GLY A 252 -12.33 -3.62 4.44
C GLY A 252 -11.38 -2.63 5.10
N SER A 253 -10.16 -2.57 4.55
CA SER A 253 -9.24 -1.50 4.91
C SER A 253 -9.58 -0.27 4.07
N VAL A 254 -8.88 0.84 4.38
CA VAL A 254 -9.10 2.07 3.61
C VAL A 254 -8.88 1.84 2.11
N PHE A 255 -8.06 0.85 1.75
CA PHE A 255 -7.78 0.65 0.34
C PHE A 255 -8.97 0.10 -0.46
N VAL A 256 -10.01 -0.44 0.18
CA VAL A 256 -11.23 -0.85 -0.52
C VAL A 256 -12.39 -0.04 0.07
N GLN A 257 -12.09 1.16 0.56
CA GLN A 257 -13.14 2.08 1.08
C GLN A 257 -13.98 1.42 2.19
N HIS A 258 -13.31 0.54 2.97
CA HIS A 258 -13.90 -0.08 4.15
C HIS A 258 -15.10 -0.96 3.79
N LYS A 259 -15.11 -1.50 2.58
CA LYS A 259 -16.26 -2.34 2.26
C LYS A 259 -16.11 -3.75 2.84
N PRO A 260 -17.21 -4.36 3.26
CA PRO A 260 -17.18 -5.75 3.75
C PRO A 260 -17.40 -6.73 2.61
N PHE A 261 -16.80 -7.93 2.74
CA PHE A 261 -16.92 -8.99 1.73
C PHE A 261 -17.16 -10.32 2.46
N ALA A 262 -17.81 -11.27 1.78
CA ALA A 262 -17.93 -12.59 2.40
C ALA A 262 -18.08 -13.69 1.36
N VAL A 263 -17.56 -14.87 1.72
CA VAL A 263 -17.86 -16.11 1.03
C VAL A 263 -18.46 -17.06 2.07
N ALA A 264 -19.67 -17.60 1.80
CA ALA A 264 -20.25 -18.48 2.81
C ALA A 264 -21.08 -19.59 2.15
N ARG A 265 -21.11 -20.77 2.80
CA ARG A 265 -21.83 -21.92 2.26
C ARG A 265 -22.59 -22.58 3.42
N LEU A 266 -23.84 -23.01 3.17
CA LEU A 266 -24.63 -23.66 4.22
C LEU A 266 -25.22 -24.93 3.63
N TYR A 267 -24.94 -26.07 4.26
CA TYR A 267 -25.42 -27.38 3.80
C TYR A 267 -26.42 -27.91 4.81
N LEU A 268 -27.39 -28.68 4.31
CA LEU A 268 -28.33 -29.42 5.18
C LEU A 268 -28.12 -30.90 4.88
N ASP A 269 -27.64 -31.65 5.87
CA ASP A 269 -27.33 -33.08 5.68
C ASP A 269 -26.70 -33.38 4.32
N GLY A 270 -25.65 -32.64 3.97
CA GLY A 270 -24.96 -32.92 2.72
C GLY A 270 -25.47 -32.25 1.45
N SER A 271 -26.62 -31.57 1.48
CA SER A 271 -27.08 -30.79 0.33
C SER A 271 -26.85 -29.29 0.53
N LEU A 272 -26.36 -28.61 -0.52
CA LEU A 272 -26.18 -27.15 -0.47
C LEU A 272 -27.52 -26.42 -0.47
N VAL A 273 -27.78 -25.62 0.56
CA VAL A 273 -29.00 -24.84 0.62
C VAL A 273 -28.79 -23.34 0.51
N SER A 274 -27.58 -22.82 0.79
CA SER A 274 -27.35 -21.38 0.65
C SER A 274 -25.89 -21.18 0.24
N ALA A 275 -25.68 -20.45 -0.86
CA ALA A 275 -24.36 -20.06 -1.30
C ALA A 275 -24.36 -18.55 -1.41
N ALA A 276 -23.50 -17.89 -0.64
CA ALA A 276 -23.48 -16.42 -0.58
C ALA A 276 -22.08 -15.93 -0.85
N ASN A 277 -21.95 -14.95 -1.74
CA ASN A 277 -20.68 -14.29 -2.01
C ASN A 277 -20.87 -12.78 -1.88
N THR A 278 -21.86 -12.38 -1.09
CA THR A 278 -22.22 -11.00 -0.88
C THR A 278 -22.66 -10.83 0.56
N VAL A 279 -22.46 -9.64 1.10
CA VAL A 279 -22.98 -9.36 2.43
C VAL A 279 -24.32 -8.65 2.24
N VAL A 280 -25.18 -8.75 3.25
CA VAL A 280 -26.45 -8.05 3.22
C VAL A 280 -26.19 -6.55 3.22
N GLY A 281 -26.79 -5.85 2.27
CA GLY A 281 -26.63 -4.39 2.18
C GLY A 281 -26.89 -3.83 0.80
N GLY A 293 -26.66 -16.75 -4.92
CA GLY A 293 -27.06 -15.37 -5.01
C GLY A 293 -27.61 -14.88 -3.68
N ASP A 294 -27.38 -15.67 -2.64
CA ASP A 294 -27.81 -15.27 -1.32
C ASP A 294 -26.80 -14.31 -0.73
N ALA A 295 -27.07 -13.86 0.49
CA ALA A 295 -26.23 -12.88 1.15
C ALA A 295 -26.12 -13.29 2.61
N VAL A 296 -25.04 -12.86 3.28
CA VAL A 296 -24.94 -13.12 4.72
C VAL A 296 -24.86 -11.80 5.45
N ARG A 297 -25.30 -11.83 6.71
CA ARG A 297 -25.05 -10.74 7.66
C ARG A 297 -24.28 -11.32 8.85
N LEU A 298 -23.21 -10.63 9.27
CA LEU A 298 -22.40 -11.11 10.39
C LEU A 298 -22.20 -9.94 11.34
N THR A 299 -22.76 -10.05 12.53
CA THR A 299 -22.76 -8.97 13.53
C THR A 299 -21.99 -9.43 14.75
N LYS A 300 -21.08 -8.59 15.25
CA LYS A 300 -20.40 -8.95 16.49
C LYS A 300 -21.32 -8.79 17.71
N VAL A 301 -21.15 -9.69 18.66
CA VAL A 301 -21.84 -9.66 19.96
C VAL A 301 -20.86 -9.11 21.01
N GLN A 302 -21.28 -8.09 21.74
CA GLN A 302 -20.41 -7.48 22.76
C GLN A 302 -20.71 -8.03 24.15
N PRO A 303 -19.74 -8.01 25.09
CA PRO A 303 -19.95 -8.66 26.39
C PRO A 303 -20.96 -7.94 27.25
N ASP A 304 -21.42 -6.74 26.86
CA ASP A 304 -22.51 -6.10 27.59
C ASP A 304 -23.86 -6.56 27.10
N GLU A 305 -23.89 -7.40 26.07
CA GLU A 305 -25.11 -7.83 25.41
C GLU A 305 -25.48 -9.27 25.70
N LYS A 306 -24.48 -10.10 26.00
CA LYS A 306 -24.69 -11.54 26.15
C LYS A 306 -23.73 -12.08 27.21
N SER A 307 -24.25 -12.86 28.15
CA SER A 307 -23.45 -13.30 29.29
C SER A 307 -22.53 -14.48 28.98
N GLN A 308 -22.74 -15.21 27.88
CA GLN A 308 -21.93 -16.36 27.53
C GLN A 308 -20.91 -15.95 26.46
N GLY A 309 -19.69 -16.46 26.56
CA GLY A 309 -18.71 -16.34 25.49
C GLY A 309 -17.46 -15.59 25.94
N LEU A 310 -16.30 -16.13 25.60
CA LEU A 310 -15.01 -15.51 25.83
C LEU A 310 -14.77 -14.38 24.84
N SER A 311 -13.97 -13.38 25.28
CA SER A 311 -13.37 -12.45 24.33
C SER A 311 -11.92 -12.80 24.14
N GLY A 312 -11.35 -12.34 23.03
CA GLY A 312 -9.91 -12.43 22.82
C GLY A 312 -9.17 -11.43 23.65
N LYS A 313 -7.85 -11.45 23.50
CA LYS A 313 -6.92 -10.75 24.37
C LYS A 313 -6.49 -9.39 23.79
N PHE A 314 -7.13 -8.92 22.71
CA PHE A 314 -6.70 -7.70 22.02
C PHE A 314 -7.81 -6.68 21.99
N ARG A 315 -7.75 -5.71 21.06
CA ARG A 315 -8.72 -4.61 21.13
C ARG A 315 -10.13 -5.04 20.73
N ASP A 316 -10.28 -6.17 20.05
CA ASP A 316 -11.63 -6.58 19.64
C ASP A 316 -12.24 -7.33 20.81
N GLY A 317 -13.22 -6.73 21.47
CA GLY A 317 -13.72 -7.36 22.66
C GLY A 317 -14.95 -8.24 22.43
N ASN A 318 -15.25 -8.63 21.20
CA ASN A 318 -16.49 -9.38 21.01
C ASN A 318 -16.41 -10.75 21.67
N VAL A 319 -17.58 -11.26 22.07
CA VAL A 319 -17.73 -12.57 22.73
C VAL A 319 -18.42 -13.54 21.78
N GLY A 320 -18.60 -13.14 20.54
CA GLY A 320 -19.13 -14.02 19.51
C GLY A 320 -19.78 -13.21 18.39
N TYR A 321 -20.65 -13.89 17.64
CA TYR A 321 -21.24 -13.28 16.46
C TYR A 321 -22.66 -13.82 16.27
N VAL A 322 -23.46 -13.06 15.55
CA VAL A 322 -24.73 -13.55 14.97
C VAL A 322 -24.54 -13.68 13.47
N LEU A 323 -24.74 -14.89 12.92
CA LEU A 323 -24.55 -15.15 11.49
C LEU A 323 -25.91 -15.42 10.86
N GLU A 324 -26.28 -14.62 9.86
CA GLU A 324 -27.58 -14.81 9.17
C GLU A 324 -27.34 -15.14 7.70
N PHE A 325 -28.00 -16.20 7.19
CA PHE A 325 -28.06 -16.45 5.76
C PHE A 325 -29.40 -15.96 5.25
N ALA A 326 -29.38 -15.05 4.28
CA ALA A 326 -30.60 -14.46 3.71
C ALA A 326 -30.74 -14.89 2.25
N LYS A 327 -31.95 -15.26 1.85
CA LYS A 327 -32.26 -15.54 0.45
C LYS A 327 -33.33 -14.58 -0.07
N LYS A 328 -33.28 -14.29 -1.36
CA LYS A 328 -34.25 -13.37 -1.94
C LYS A 328 -35.67 -13.92 -1.87
N ASP A 329 -35.83 -15.25 -1.86
CA ASP A 329 -37.14 -15.89 -1.78
C ASP A 329 -37.43 -16.52 -0.41
N SER A 330 -36.62 -16.23 0.61
CA SER A 330 -36.82 -16.75 1.96
C SER A 330 -37.26 -15.63 2.89
N GLU A 331 -38.35 -15.87 3.62
CA GLU A 331 -38.85 -14.85 4.54
C GLU A 331 -37.85 -14.61 5.68
N HIS A 332 -37.47 -15.68 6.39
CA HIS A 332 -36.68 -15.51 7.62
C HIS A 332 -35.24 -16.00 7.50
N GLY A 333 -34.91 -16.83 6.52
CA GLY A 333 -33.57 -17.37 6.36
C GLY A 333 -33.14 -18.28 7.49
N TRP A 334 -31.84 -18.29 7.76
CA TRP A 334 -31.30 -19.09 8.83
C TRP A 334 -30.45 -18.14 9.69
N THR A 335 -30.48 -18.33 11.01
CA THR A 335 -29.69 -17.51 11.94
C THR A 335 -28.97 -18.41 12.93
N PHE A 336 -27.67 -18.15 13.15
CA PHE A 336 -26.88 -18.95 14.06
C PHE A 336 -26.18 -18.05 15.04
N GLN A 337 -26.31 -18.36 16.32
N GLN A 337 -26.27 -18.40 16.31
CA GLN A 337 -25.62 -17.63 17.36
CA GLN A 337 -25.64 -17.66 17.39
C GLN A 337 -24.32 -18.34 17.68
C GLN A 337 -24.32 -18.34 17.72
N ILE A 338 -23.21 -17.59 17.64
CA ILE A 338 -21.88 -18.14 17.77
C ILE A 338 -21.29 -17.52 19.03
N SER A 339 -20.78 -18.37 19.93
N SER A 339 -20.84 -18.37 19.96
CA SER A 339 -20.18 -17.97 21.20
CA SER A 339 -20.17 -17.97 21.20
C SER A 339 -18.77 -18.55 21.31
C SER A 339 -18.76 -18.55 21.29
N HIS A 340 -17.78 -17.72 21.66
CA HIS A 340 -16.42 -18.23 21.81
C HIS A 340 -16.33 -19.08 23.08
N LYS A 341 -16.08 -20.38 22.91
CA LYS A 341 -16.05 -21.32 24.05
C LYS A 341 -14.65 -21.64 24.58
N ARG A 342 -13.68 -21.95 23.71
CA ARG A 342 -12.33 -22.28 24.17
C ARG A 342 -11.29 -21.62 23.27
N ALA A 343 -10.26 -21.07 23.89
CA ALA A 343 -9.18 -20.44 23.13
C ALA A 343 -8.24 -21.49 22.54
N VAL A 344 -7.88 -21.30 21.26
CA VAL A 344 -6.88 -22.15 20.61
C VAL A 344 -5.58 -21.37 20.53
N TRP A 345 -5.42 -20.43 19.59
CA TRP A 345 -4.20 -19.62 19.54
C TRP A 345 -4.55 -18.19 19.89
N SER A 346 -3.51 -17.44 20.19
CA SER A 346 -3.63 -16.00 20.43
C SER A 346 -2.27 -15.38 20.15
N GLU A 347 -2.20 -14.46 19.16
CA GLU A 347 -0.91 -13.89 18.80
C GLU A 347 -1.14 -12.43 18.44
N PRO A 348 -0.26 -11.53 18.88
CA PRO A 348 -0.39 -10.12 18.50
C PRO A 348 -0.06 -9.88 17.04
N THR A 349 -0.72 -8.85 16.48
CA THR A 349 -0.43 -8.37 15.15
C THR A 349 -0.03 -6.90 15.14
N SER A 350 0.31 -6.35 16.31
CA SER A 350 0.82 -4.99 16.41
C SER A 350 1.56 -4.92 17.74
N ALA A 351 2.30 -3.83 17.93
CA ALA A 351 2.83 -3.57 19.26
C ALA A 351 1.67 -3.46 20.25
N PRO A 352 1.89 -3.82 21.52
CA PRO A 352 0.81 -3.76 22.51
C PRO A 352 0.39 -2.33 22.84
N GLY A 353 -0.79 -2.22 23.41
CA GLY A 353 -1.38 -0.94 23.70
C GLY A 353 -2.89 -1.04 23.72
N PRO A 354 -3.57 0.06 24.02
CA PRO A 354 -5.04 0.03 24.07
C PRO A 354 -5.69 -0.22 22.73
N ASP A 355 -4.98 0.01 21.62
CA ASP A 355 -5.47 -0.34 20.32
C ASP A 355 -4.67 -1.47 19.69
N GLY A 356 -3.98 -2.26 20.51
CA GLY A 356 -3.19 -3.37 19.98
C GLY A 356 -4.12 -4.41 19.35
N THR A 357 -3.72 -4.89 18.18
CA THR A 357 -4.53 -5.87 17.48
C THR A 357 -3.93 -7.27 17.62
N GLY A 358 -4.71 -8.29 17.27
CA GLY A 358 -4.14 -9.62 17.25
C GLY A 358 -5.05 -10.59 16.52
N LYS A 359 -4.66 -11.86 16.61
CA LYS A 359 -5.45 -12.95 16.03
C LYS A 359 -5.75 -13.98 17.11
N SER A 360 -6.96 -14.54 17.06
CA SER A 360 -7.47 -15.40 18.13
C SER A 360 -8.19 -16.57 17.48
N GLY A 361 -7.83 -17.81 17.84
CA GLY A 361 -8.55 -18.97 17.34
C GLY A 361 -9.44 -19.53 18.44
N TRP A 362 -10.55 -20.13 18.00
CA TRP A 362 -11.62 -20.56 18.87
C TRP A 362 -12.13 -21.95 18.55
N ILE A 363 -12.51 -22.68 19.59
CA ILE A 363 -13.63 -23.61 19.44
C ILE A 363 -14.87 -22.81 19.80
N GLU A 364 -15.83 -22.77 18.89
CA GLU A 364 -17.07 -22.03 19.05
C GLU A 364 -18.17 -22.95 19.51
N ALA A 365 -19.12 -22.40 20.27
CA ALA A 365 -20.40 -23.07 20.50
C ALA A 365 -21.45 -22.35 19.67
N ILE A 366 -22.27 -23.08 18.92
CA ILE A 366 -23.13 -22.45 17.95
C ILE A 366 -24.50 -23.11 18.00
N SER A 367 -25.55 -22.30 17.86
CA SER A 367 -26.91 -22.82 17.93
C SER A 367 -27.79 -22.08 16.94
N GLY A 368 -28.88 -22.73 16.51
CA GLY A 368 -29.83 -22.00 15.74
C GLY A 368 -30.33 -22.79 14.54
N GLY A 369 -30.61 -22.07 13.46
CA GLY A 369 -31.14 -22.72 12.27
C GLY A 369 -32.20 -21.86 11.66
N ALA A 370 -33.19 -22.46 11.00
CA ALA A 370 -34.30 -21.68 10.49
C ALA A 370 -35.28 -21.32 11.61
N LYS A 371 -36.29 -20.53 11.25
CA LYS A 371 -37.31 -20.16 12.23
C LYS A 371 -37.96 -21.42 12.80
N GLY A 372 -37.98 -21.52 14.12
CA GLY A 372 -38.50 -22.70 14.79
C GLY A 372 -37.50 -23.79 15.02
N GLU A 373 -36.24 -23.60 14.65
CA GLU A 373 -35.20 -24.59 14.89
C GLU A 373 -34.23 -24.03 15.90
N ASN A 374 -33.68 -24.92 16.73
CA ASN A 374 -32.71 -24.60 17.76
C ASN A 374 -31.71 -25.75 17.86
N TYR A 375 -31.05 -26.07 16.74
CA TYR A 375 -29.99 -27.07 16.78
C TYR A 375 -28.77 -26.54 17.51
N GLU A 376 -27.95 -27.46 18.04
CA GLU A 376 -26.74 -27.07 18.77
C GLU A 376 -25.52 -27.78 18.21
N GLY A 377 -24.43 -27.08 18.10
CA GLY A 377 -23.21 -27.73 17.69
C GLY A 377 -21.99 -26.89 18.03
N HIS A 378 -20.92 -27.08 17.24
CA HIS A 378 -19.62 -26.48 17.54
C HIS A 378 -18.97 -26.09 16.23
N GLY A 379 -17.96 -25.23 16.34
CA GLY A 379 -17.20 -24.78 15.18
C GLY A 379 -15.77 -24.55 15.56
N PHE A 380 -14.91 -24.53 14.52
CA PHE A 380 -13.51 -24.16 14.66
C PHE A 380 -13.31 -22.90 13.85
N GLY A 381 -12.96 -21.82 14.55
CA GLY A 381 -13.03 -20.50 13.97
C GLY A 381 -11.80 -19.69 14.33
N GLY A 382 -11.64 -18.57 13.64
CA GLY A 382 -10.61 -17.64 14.07
C GLY A 382 -10.97 -16.25 13.62
N GLN A 383 -10.44 -15.26 14.34
CA GLN A 383 -10.61 -13.88 13.91
C GLN A 383 -9.25 -13.19 13.94
N LEU A 384 -9.12 -12.14 13.13
CA LEU A 384 -7.84 -11.43 13.03
C LEU A 384 -8.14 -9.96 12.81
N GLN A 385 -7.36 -9.08 13.44
CA GLN A 385 -7.28 -7.71 12.96
C GLN A 385 -5.84 -7.38 12.64
N ILE A 386 -5.66 -6.45 11.70
CA ILE A 386 -4.31 -5.93 11.45
C ILE A 386 -4.46 -4.42 11.45
N PRO A 387 -3.39 -3.69 11.87
CA PRO A 387 -3.53 -2.24 12.07
C PRO A 387 -3.41 -1.44 10.77
N VAL A 388 -4.18 -1.83 9.77
CA VAL A 388 -4.31 -1.02 8.54
C VAL A 388 -5.52 -0.12 8.73
N PRO A 389 -5.41 1.18 8.46
CA PRO A 389 -6.63 1.96 8.69
C PRO A 389 -7.71 1.72 7.65
N GLU B 6 -20.00 2.76 -36.41
CA GLU B 6 -19.46 4.00 -36.95
C GLU B 6 -18.21 4.55 -36.24
N PRO B 7 -18.12 4.49 -34.90
CA PRO B 7 -17.11 5.29 -34.20
C PRO B 7 -15.71 4.97 -34.67
N THR B 8 -14.84 5.97 -34.62
N THR B 8 -14.83 5.98 -34.66
CA THR B 8 -13.45 5.71 -34.94
CA THR B 8 -13.43 5.66 -34.95
C THR B 8 -12.73 4.98 -33.81
C THR B 8 -12.82 4.85 -33.80
N SER B 9 -13.16 5.21 -32.56
CA SER B 9 -12.63 4.52 -31.36
C SER B 9 -13.80 4.15 -30.47
N SER B 10 -13.79 2.96 -29.87
CA SER B 10 -14.89 2.54 -29.01
C SER B 10 -14.38 1.70 -27.84
N SER B 11 -14.88 2.01 -26.63
CA SER B 11 -14.52 1.30 -25.38
C SER B 11 -15.78 0.99 -24.61
N SER B 12 -16.07 -0.28 -24.42
CA SER B 12 -17.27 -0.70 -23.70
C SER B 12 -16.89 -1.69 -22.60
N LEU B 13 -17.15 -1.35 -21.33
CA LEU B 13 -16.80 -2.24 -20.22
C LEU B 13 -18.06 -2.63 -19.47
N ASP B 14 -18.08 -3.86 -18.97
CA ASP B 14 -19.20 -4.42 -18.23
C ASP B 14 -18.66 -5.07 -16.96
N ILE B 15 -19.05 -4.53 -15.81
CA ILE B 15 -18.78 -5.15 -14.51
C ILE B 15 -19.01 -6.65 -14.55
N THR B 16 -20.08 -7.08 -15.24
CA THR B 16 -20.40 -8.50 -15.32
C THR B 16 -19.26 -9.29 -15.96
N SER B 17 -18.98 -9.02 -17.24
CA SER B 17 -17.84 -9.65 -17.89
C SER B 17 -16.61 -9.47 -17.03
N ASN B 18 -15.54 -10.23 -17.29
CA ASN B 18 -14.31 -10.06 -16.52
C ASN B 18 -13.48 -8.96 -17.20
N CYS B 19 -13.88 -7.73 -16.93
CA CYS B 19 -13.21 -6.55 -17.43
C CYS B 19 -12.26 -5.95 -16.39
N ILE B 20 -12.06 -6.62 -15.26
CA ILE B 20 -11.27 -6.08 -14.15
C ILE B 20 -10.16 -7.06 -13.84
N ILE B 21 -8.90 -6.64 -13.99
CA ILE B 21 -7.78 -7.51 -13.64
C ILE B 21 -7.16 -7.06 -12.33
N GLU B 22 -6.57 -8.02 -11.61
CA GLU B 22 -6.16 -7.76 -10.24
C GLU B 22 -4.70 -7.32 -10.15
N THR B 23 -4.03 -7.11 -11.31
CA THR B 23 -2.67 -6.57 -11.36
C THR B 23 -2.63 -5.25 -12.15
N PRO B 24 -1.55 -4.49 -12.06
CA PRO B 24 -1.53 -3.14 -12.63
C PRO B 24 -1.60 -3.11 -14.16
N LEU B 25 -2.19 -2.02 -14.66
CA LEU B 25 -2.21 -1.70 -16.07
C LEU B 25 -1.70 -0.28 -16.28
N GLN B 26 -0.91 -0.09 -17.30
CA GLN B 26 -0.47 1.22 -17.73
C GLN B 26 -1.54 1.82 -18.66
N PRO B 27 -1.90 3.10 -18.48
CA PRO B 27 -2.86 3.71 -19.39
C PRO B 27 -2.23 4.02 -20.76
N SER B 28 -3.09 4.24 -21.75
CA SER B 28 -2.56 4.84 -22.99
C SER B 28 -1.89 6.17 -22.70
N ASP B 29 -0.91 6.54 -23.53
CA ASP B 29 -0.14 7.77 -23.31
C ASP B 29 -1.03 9.02 -23.40
N PHE B 30 -0.63 10.03 -22.63
CA PHE B 30 -1.24 11.35 -22.73
C PHE B 30 -0.99 11.93 -24.13
N LEU B 31 -2.04 12.57 -24.69
CA LEU B 31 -1.99 13.25 -26.00
C LEU B 31 -1.88 14.77 -25.81
N PRO B 32 -0.77 15.42 -26.18
CA PRO B 32 -0.71 16.88 -26.05
C PRO B 32 -1.78 17.56 -26.90
N LYS B 33 -2.26 18.69 -26.41
CA LYS B 33 -3.19 19.57 -27.12
C LYS B 33 -4.47 18.82 -27.51
N SER B 34 -4.87 17.83 -26.70
CA SER B 34 -6.10 17.08 -26.87
C SER B 34 -6.82 17.05 -25.53
N ALA B 35 -8.14 16.89 -25.55
CA ALA B 35 -8.87 16.77 -24.32
C ALA B 35 -8.73 15.39 -23.70
N ASN B 36 -8.15 14.45 -24.42
CA ASN B 36 -7.95 13.07 -23.89
C ASN B 36 -9.24 12.47 -23.36
N LEU B 37 -10.37 12.71 -24.04
CA LEU B 37 -11.66 12.26 -23.52
C LEU B 37 -11.93 10.76 -23.68
N PHE B 38 -11.29 10.10 -24.64
CA PHE B 38 -11.51 8.68 -24.79
C PHE B 38 -10.80 7.93 -23.64
N PRO B 39 -11.35 6.83 -23.16
CA PRO B 39 -10.75 6.16 -21.98
C PRO B 39 -9.29 5.77 -22.21
N LYS B 40 -8.48 6.02 -21.17
CA LYS B 40 -7.09 5.62 -21.16
C LYS B 40 -6.89 4.16 -20.73
N PHE B 41 -7.92 3.49 -20.25
CA PHE B 41 -7.88 2.04 -19.98
C PHE B 41 -9.01 1.44 -20.78
N PRO B 42 -8.89 1.40 -22.11
CA PRO B 42 -10.08 1.16 -22.93
C PRO B 42 -10.55 -0.28 -22.99
N GLU B 43 -9.68 -1.26 -22.73
CA GLU B 43 -10.13 -2.65 -22.88
C GLU B 43 -10.46 -3.34 -21.56
N ARG B 44 -9.85 -2.90 -20.48
CA ARG B 44 -10.07 -3.49 -19.18
C ARG B 44 -9.45 -2.54 -18.20
N ILE B 45 -9.86 -2.64 -16.96
CA ILE B 45 -9.27 -1.83 -15.90
C ILE B 45 -8.67 -2.78 -14.87
N SER B 46 -7.85 -2.20 -14.01
CA SER B 46 -7.29 -2.93 -12.89
C SER B 46 -8.03 -2.55 -11.61
N VAL B 47 -7.76 -3.29 -10.54
CA VAL B 47 -8.34 -2.91 -9.27
C VAL B 47 -7.80 -1.58 -8.75
N ASP B 48 -6.71 -1.07 -9.31
CA ASP B 48 -6.19 0.22 -8.89
C ASP B 48 -6.59 1.37 -9.82
N SER B 49 -6.89 1.10 -11.10
CA SER B 49 -7.03 2.21 -12.07
C SER B 49 -8.34 2.96 -11.86
N TRP B 50 -8.35 4.24 -12.26
CA TRP B 50 -9.59 5.01 -12.21
C TRP B 50 -9.60 6.03 -13.33
N GLU B 51 -10.80 6.34 -13.78
CA GLU B 51 -11.03 7.38 -14.79
C GLU B 51 -12.24 8.20 -14.38
N LEU B 52 -12.18 9.52 -14.63
CA LEU B 52 -13.18 10.44 -14.18
C LEU B 52 -13.62 11.34 -15.33
N TRP B 53 -14.94 11.46 -15.51
CA TRP B 53 -15.53 12.54 -16.31
C TRP B 53 -16.57 13.27 -15.47
N GLU B 54 -16.32 14.52 -15.14
CA GLU B 54 -17.12 15.20 -14.14
C GLU B 54 -17.70 16.49 -14.72
N PHE B 55 -18.95 16.76 -14.37
CA PHE B 55 -19.63 17.96 -14.88
C PHE B 55 -20.42 18.62 -13.76
N ASP B 56 -20.03 19.85 -13.39
CA ASP B 56 -20.63 20.49 -12.21
C ASP B 56 -21.18 21.84 -12.61
N THR B 57 -22.29 22.23 -11.98
CA THR B 57 -22.99 23.49 -12.30
C THR B 57 -23.53 24.14 -11.03
N PHE B 58 -23.64 25.48 -11.10
CA PHE B 58 -24.29 26.23 -10.04
C PHE B 58 -24.84 27.52 -10.64
N ASP B 59 -25.85 28.08 -10.01
CA ASP B 59 -26.39 29.30 -10.63
C ASP B 59 -25.67 30.55 -10.10
N THR B 60 -26.05 31.71 -10.64
CA THR B 60 -25.23 32.89 -10.42
C THR B 60 -25.20 33.31 -8.95
N ASN B 61 -26.24 33.05 -8.19
N ASN B 61 -26.26 33.02 -8.20
CA ASN B 61 -26.23 33.48 -6.80
CA ASN B 61 -26.35 33.43 -6.82
C ASN B 61 -25.92 32.33 -5.84
C ASN B 61 -25.94 32.33 -5.85
N GLY B 62 -25.55 31.16 -6.35
CA GLY B 62 -25.26 30.04 -5.48
C GLY B 62 -26.49 29.42 -4.84
N SER B 63 -27.69 29.71 -5.36
CA SER B 63 -28.85 29.13 -4.69
C SER B 63 -29.14 27.73 -5.15
N VAL B 64 -28.60 27.33 -6.32
CA VAL B 64 -28.90 26.03 -6.94
C VAL B 64 -27.56 25.41 -7.35
N ALA B 65 -27.36 24.13 -7.05
CA ALA B 65 -26.15 23.45 -7.53
C ALA B 65 -26.54 22.07 -8.03
N PHE B 66 -25.84 21.59 -9.06
CA PHE B 66 -26.13 20.26 -9.60
C PHE B 66 -24.84 19.72 -10.22
N GLY B 67 -24.37 18.59 -9.73
CA GLY B 67 -23.12 18.03 -10.23
C GLY B 67 -23.19 16.54 -10.47
N CYS B 68 -22.34 16.07 -11.40
CA CYS B 68 -22.38 14.64 -11.77
C CYS B 68 -20.94 14.21 -12.06
N SER B 69 -20.46 13.25 -11.29
CA SER B 69 -19.14 12.66 -11.54
C SER B 69 -19.34 11.21 -12.00
N LEU B 70 -18.84 10.91 -13.20
CA LEU B 70 -18.95 9.58 -13.82
C LEU B 70 -17.58 8.90 -13.71
N TYR B 71 -17.54 7.74 -13.08
CA TYR B 71 -16.28 7.04 -12.84
C TYR B 71 -16.25 5.68 -13.53
N ARG B 72 -15.06 5.31 -13.99
CA ARG B 72 -14.68 3.91 -14.21
C ARG B 72 -13.61 3.52 -13.21
N ASP B 73 -13.93 2.56 -12.38
CA ASP B 73 -12.98 1.99 -11.41
C ASP B 73 -13.63 0.73 -10.88
N ALA B 74 -12.92 0.07 -10.00
CA ALA B 74 -13.40 -1.21 -9.47
C ALA B 74 -14.26 -1.04 -8.22
N ARG B 75 -14.60 0.20 -7.83
CA ARG B 75 -15.18 0.41 -6.50
C ARG B 75 -16.61 -0.07 -6.41
N GLY B 76 -17.35 -0.11 -7.52
CA GLY B 76 -18.75 -0.47 -7.48
C GLY B 76 -19.09 -1.91 -7.82
N VAL B 77 -18.10 -2.78 -7.97
CA VAL B 77 -18.38 -4.14 -8.43
C VAL B 77 -19.40 -4.81 -7.52
N GLU B 78 -19.17 -4.76 -6.20
CA GLU B 78 -20.07 -5.44 -5.28
C GLU B 78 -21.45 -4.80 -5.27
N GLN B 79 -21.56 -3.56 -5.72
CA GLN B 79 -22.84 -2.87 -5.83
C GLN B 79 -23.46 -3.05 -7.22
N GLY B 80 -22.74 -3.68 -8.15
CA GLY B 80 -23.27 -4.00 -9.45
C GLY B 80 -22.91 -3.06 -10.58
N GLY B 81 -22.01 -2.11 -10.39
CA GLY B 81 -21.69 -1.28 -11.52
C GLY B 81 -20.72 -0.16 -11.22
N PHE B 82 -20.43 0.57 -12.29
CA PHE B 82 -19.59 1.75 -12.24
C PHE B 82 -20.39 2.86 -11.59
N HIS B 83 -19.73 3.68 -10.77
N HIS B 83 -19.67 3.69 -10.80
CA HIS B 83 -20.49 4.60 -9.95
CA HIS B 83 -20.25 4.76 -10.00
C HIS B 83 -20.54 6.00 -10.55
C HIS B 83 -20.61 5.98 -10.83
N ALA B 84 -21.73 6.61 -10.49
CA ALA B 84 -21.97 7.99 -10.87
C ALA B 84 -22.39 8.71 -9.59
N GLU B 85 -21.72 9.79 -9.26
CA GLU B 85 -22.00 10.56 -8.04
C GLU B 85 -22.84 11.75 -8.46
N VAL B 86 -24.08 11.83 -7.98
CA VAL B 86 -25.00 12.89 -8.42
C VAL B 86 -25.46 13.67 -7.20
N ASN B 87 -25.26 14.99 -7.22
CA ASN B 87 -25.60 15.78 -6.06
C ASN B 87 -26.28 17.07 -6.50
N ALA B 88 -27.28 17.49 -5.73
CA ALA B 88 -28.04 18.70 -6.05
C ALA B 88 -28.42 19.44 -4.77
N LEU B 89 -28.49 20.78 -4.85
CA LEU B 89 -28.91 21.64 -3.76
C LEU B 89 -29.95 22.62 -4.29
N TRP B 90 -31.05 22.78 -3.54
CA TRP B 90 -32.12 23.71 -3.87
C TRP B 90 -31.99 25.01 -3.06
N PRO B 91 -32.70 26.06 -3.48
CA PRO B 91 -32.65 27.33 -2.74
C PRO B 91 -33.02 27.20 -1.27
N ASP B 92 -33.91 26.30 -0.88
CA ASP B 92 -34.31 26.23 0.51
C ASP B 92 -33.37 25.37 1.36
N GLY B 93 -32.24 24.95 0.82
CA GLY B 93 -31.30 24.15 1.57
C GLY B 93 -31.49 22.65 1.45
N THR B 94 -32.58 22.20 0.82
CA THR B 94 -32.78 20.76 0.64
C THR B 94 -31.74 20.19 -0.31
N HIS B 95 -31.18 19.03 0.03
CA HIS B 95 -30.19 18.42 -0.86
C HIS B 95 -30.60 17.02 -1.25
N TRP B 96 -30.12 16.62 -2.43
CA TRP B 96 -30.37 15.29 -2.97
C TRP B 96 -29.01 14.76 -3.38
N GLY B 97 -28.69 13.57 -2.88
CA GLY B 97 -27.40 13.00 -3.24
C GLY B 97 -27.38 11.50 -3.25
N GLU B 98 -26.89 10.90 -4.34
CA GLU B 98 -26.85 9.44 -4.39
C GLU B 98 -25.67 9.00 -5.23
N THR B 99 -25.12 7.86 -4.85
CA THR B 99 -24.24 7.08 -5.72
C THR B 99 -25.10 6.13 -6.51
N LEU B 100 -25.10 6.29 -7.83
CA LEU B 100 -25.84 5.45 -8.75
C LEU B 100 -24.87 4.46 -9.37
N TYR B 101 -25.36 3.24 -9.65
CA TYR B 101 -24.51 2.17 -10.15
C TYR B 101 -25.01 1.70 -11.50
N PHE B 102 -24.09 1.59 -12.47
CA PHE B 102 -24.42 1.24 -13.85
C PHE B 102 -23.54 0.08 -14.29
N ALA B 103 -24.18 -1.01 -14.73
CA ALA B 103 -23.39 -2.20 -15.08
C ALA B 103 -22.48 -1.98 -16.27
N VAL B 104 -22.82 -1.06 -17.18
CA VAL B 104 -22.05 -0.85 -18.40
C VAL B 104 -21.60 0.61 -18.49
N SER B 105 -20.35 0.82 -18.88
CA SER B 105 -19.86 2.14 -19.26
C SER B 105 -19.29 2.05 -20.66
N GLU B 106 -19.81 2.90 -21.56
CA GLU B 106 -19.41 2.96 -22.95
C GLU B 106 -18.94 4.36 -23.30
N VAL B 107 -17.77 4.50 -23.93
CA VAL B 107 -17.32 5.81 -24.43
C VAL B 107 -16.82 5.64 -25.88
N VAL B 108 -17.23 6.55 -26.77
CA VAL B 108 -16.86 6.47 -28.20
C VAL B 108 -16.27 7.80 -28.64
N GLU B 109 -15.32 7.75 -29.60
CA GLU B 109 -14.95 8.93 -30.37
C GLU B 109 -15.46 8.72 -31.79
N ASN B 110 -16.28 9.64 -32.28
CA ASN B 110 -16.91 9.53 -33.61
C ASN B 110 -16.01 10.15 -34.69
N SER B 111 -16.28 9.78 -35.97
CA SER B 111 -15.41 10.27 -37.05
C SER B 111 -15.41 11.78 -37.10
N ASP B 112 -16.48 12.42 -36.64
CA ASP B 112 -16.50 13.88 -36.67
C ASP B 112 -15.75 14.52 -35.51
N GLY B 113 -15.13 13.71 -34.64
CA GLY B 113 -14.34 14.20 -33.53
C GLY B 113 -15.11 14.38 -32.24
N THR B 114 -16.42 14.15 -32.26
CA THR B 114 -17.22 14.27 -31.05
C THR B 114 -16.99 13.05 -30.16
N THR B 115 -17.25 13.22 -28.87
CA THR B 115 -17.09 12.12 -27.92
C THR B 115 -18.45 11.83 -27.32
N GLY B 116 -18.79 10.57 -27.19
CA GLY B 116 -20.03 10.16 -26.55
C GLY B 116 -19.77 9.19 -25.40
N GLY B 117 -20.52 9.33 -24.32
CA GLY B 117 -20.36 8.45 -23.19
C GLY B 117 -21.73 8.00 -22.72
N LYS B 118 -21.81 6.74 -22.26
CA LYS B 118 -23.07 6.20 -21.74
C LYS B 118 -22.81 5.26 -20.58
N TRP B 119 -23.37 5.57 -19.43
CA TRP B 119 -23.36 4.72 -18.25
C TRP B 119 -24.74 4.10 -18.17
N LEU B 120 -24.82 2.78 -18.24
CA LEU B 120 -26.07 2.14 -18.62
C LEU B 120 -26.36 0.98 -17.69
N SER B 121 -27.60 0.88 -17.22
CA SER B 121 -28.02 -0.17 -16.31
C SER B 121 -28.90 -1.17 -17.02
N LYS B 122 -29.03 -2.35 -16.40
CA LYS B 122 -29.79 -3.44 -17.01
C LYS B 122 -31.25 -3.04 -17.21
N ASP B 123 -31.86 -2.41 -16.20
CA ASP B 123 -33.26 -2.01 -16.32
C ASP B 123 -33.49 -0.97 -17.41
N GLY B 124 -32.44 -0.36 -17.94
CA GLY B 124 -32.59 0.65 -18.97
C GLY B 124 -32.20 2.05 -18.56
N GLY B 125 -32.03 2.33 -17.26
CA GLY B 125 -31.59 3.66 -16.85
C GLY B 125 -30.24 4.00 -17.46
N SER B 126 -29.98 5.29 -17.63
CA SER B 126 -28.69 5.67 -18.19
C SER B 126 -28.37 7.11 -17.82
N ILE B 127 -27.07 7.42 -17.82
CA ILE B 127 -26.62 8.80 -17.95
C ILE B 127 -25.71 8.88 -19.17
N THR B 128 -25.93 9.87 -20.05
CA THR B 128 -25.08 9.97 -21.22
C THR B 128 -24.48 11.35 -21.33
N PHE B 129 -23.32 11.43 -22.01
CA PHE B 129 -22.76 12.73 -22.37
C PHE B 129 -22.37 12.75 -23.85
N HIS B 130 -22.41 13.96 -24.42
N HIS B 130 -22.39 13.96 -24.40
CA HIS B 130 -21.92 14.21 -25.76
CA HIS B 130 -21.92 14.22 -25.75
C HIS B 130 -21.10 15.49 -25.70
C HIS B 130 -21.10 15.50 -25.70
N ILE B 131 -19.87 15.45 -26.20
CA ILE B 131 -18.95 16.60 -26.19
C ILE B 131 -18.52 16.95 -27.60
N ALA B 132 -18.63 18.23 -27.93
CA ALA B 132 -18.21 18.74 -29.24
C ALA B 132 -16.77 18.37 -29.59
N SER B 133 -16.51 18.30 -30.89
CA SER B 133 -15.14 18.03 -31.35
C SER B 133 -14.13 19.09 -30.93
N ASP B 134 -14.55 20.36 -30.79
CA ASP B 134 -13.64 21.39 -30.34
C ASP B 134 -13.78 21.68 -28.85
N TYR B 135 -14.52 20.82 -28.11
CA TYR B 135 -14.61 20.90 -26.65
C TYR B 135 -15.36 22.15 -26.19
N THR B 136 -16.10 22.81 -27.09
CA THR B 136 -16.81 24.03 -26.66
C THR B 136 -18.21 23.77 -26.12
N ALA B 137 -18.73 22.56 -26.24
CA ALA B 137 -20.06 22.29 -25.73
C ALA B 137 -20.12 20.88 -25.19
N ALA B 138 -20.85 20.70 -24.09
CA ALA B 138 -21.07 19.37 -23.53
C ALA B 138 -22.53 19.29 -23.15
N ALA B 139 -23.14 18.13 -23.35
CA ALA B 139 -24.54 17.96 -22.99
C ALA B 139 -24.69 16.63 -22.30
N LEU B 140 -25.37 16.63 -21.16
CA LEU B 140 -25.64 15.39 -20.45
C LEU B 140 -27.13 15.12 -20.44
N ASP B 141 -27.48 13.84 -20.51
CA ASP B 141 -28.86 13.41 -20.40
C ASP B 141 -28.96 12.40 -19.30
N PHE B 142 -29.85 12.66 -18.33
CA PHE B 142 -30.13 11.79 -17.18
C PHE B 142 -31.45 11.11 -17.40
N ASN B 143 -31.45 9.79 -17.32
CA ASN B 143 -32.73 9.08 -17.45
C ASN B 143 -32.65 7.89 -16.51
N VAL B 144 -32.80 8.16 -15.22
CA VAL B 144 -32.66 7.13 -14.21
C VAL B 144 -34.00 6.95 -13.51
N PRO B 145 -34.75 5.91 -13.87
CA PRO B 145 -36.16 5.81 -13.43
C PRO B 145 -36.26 5.83 -11.90
N GLY B 146 -37.25 6.57 -11.41
CA GLY B 146 -37.42 6.69 -9.97
C GLY B 146 -36.34 7.45 -9.25
N LYS B 147 -35.38 8.02 -9.98
CA LYS B 147 -34.32 8.80 -9.35
C LYS B 147 -34.29 10.24 -9.89
N VAL B 148 -33.75 10.41 -11.09
CA VAL B 148 -33.52 11.74 -11.65
C VAL B 148 -33.61 11.63 -13.17
N SER B 149 -34.29 12.61 -13.80
CA SER B 149 -34.31 12.72 -15.25
C SER B 149 -34.08 14.18 -15.64
N GLY B 150 -33.37 14.43 -16.74
CA GLY B 150 -33.18 15.81 -17.12
C GLY B 150 -31.96 15.97 -18.01
N THR B 151 -31.55 17.23 -18.16
CA THR B 151 -30.46 17.55 -19.07
C THR B 151 -29.54 18.55 -18.40
N MET B 152 -28.27 18.54 -18.82
CA MET B 152 -27.32 19.55 -18.33
C MET B 152 -26.54 20.00 -19.53
N GLU B 153 -26.20 21.28 -19.60
CA GLU B 153 -25.37 21.75 -20.71
C GLU B 153 -24.26 22.63 -20.17
N LEU B 154 -23.08 22.53 -20.78
CA LEU B 154 -21.96 23.41 -20.50
C LEU B 154 -21.45 23.93 -21.85
N ARG B 155 -21.26 25.25 -21.99
CA ARG B 155 -20.77 25.81 -23.26
C ARG B 155 -19.67 26.83 -23.01
N ASN B 156 -18.56 26.75 -23.75
CA ASN B 156 -17.53 27.79 -23.74
C ASN B 156 -17.71 28.66 -24.98
N HIS B 157 -18.09 29.91 -24.76
CA HIS B 157 -18.39 30.86 -25.83
C HIS B 157 -17.20 31.72 -26.21
N ALA B 158 -16.08 31.59 -25.51
CA ALA B 158 -15.00 32.56 -25.61
C ALA B 158 -14.38 32.60 -27.00
N ASN B 159 -13.82 33.77 -27.34
CA ASN B 159 -13.04 33.84 -28.57
C ASN B 159 -11.78 32.99 -28.48
N VAL B 160 -11.17 32.89 -27.29
CA VAL B 160 -10.06 31.98 -27.12
C VAL B 160 -10.62 30.56 -27.04
N SER B 161 -10.10 29.69 -27.90
CA SER B 161 -10.68 28.35 -27.97
C SER B 161 -10.17 27.51 -26.82
N PRO B 162 -10.96 26.53 -26.41
CA PRO B 162 -10.43 25.49 -25.47
C PRO B 162 -9.08 24.91 -25.90
N THR B 163 -8.94 24.55 -27.19
CA THR B 163 -7.72 23.88 -27.59
C THR B 163 -6.49 24.74 -27.31
N SER B 164 -6.61 26.06 -27.45
CA SER B 164 -5.41 26.86 -27.29
C SER B 164 -4.87 26.79 -25.87
N ASN B 165 -5.71 26.48 -24.89
CA ASN B 165 -5.23 26.38 -23.51
C ASN B 165 -5.06 24.94 -23.04
N LEU B 166 -5.24 23.94 -23.89
CA LEU B 166 -5.06 22.58 -23.42
C LEU B 166 -3.59 22.35 -23.07
N PRO B 167 -3.32 21.47 -22.09
CA PRO B 167 -1.93 21.10 -21.74
C PRO B 167 -1.20 20.64 -22.98
N ALA B 168 0.06 21.03 -23.06
CA ALA B 168 0.88 20.64 -24.19
C ALA B 168 1.94 19.62 -23.81
N SER B 169 1.96 19.20 -22.55
CA SER B 169 2.98 18.26 -22.09
C SER B 169 2.40 17.47 -20.93
N ASP B 170 2.97 16.30 -20.66
CA ASP B 170 2.48 15.56 -19.51
C ASP B 170 2.49 16.42 -18.27
N ALA B 171 3.55 17.20 -18.09
CA ALA B 171 3.70 17.94 -16.84
C ALA B 171 2.55 18.92 -16.65
N GLU B 172 2.12 19.59 -17.72
CA GLU B 172 0.98 20.52 -17.64
C GLU B 172 -0.34 19.82 -17.41
N ALA B 173 -0.43 18.53 -17.72
CA ALA B 173 -1.64 17.76 -17.50
C ALA B 173 -1.68 17.03 -16.14
N GLN B 174 -0.60 17.08 -15.35
CA GLN B 174 -0.48 16.19 -14.19
C GLN B 174 -0.65 16.92 -12.87
N LEU B 175 -1.32 16.23 -11.93
CA LEU B 175 -1.22 16.59 -10.52
C LEU B 175 0.15 16.21 -9.98
N CYS B 176 0.63 15.01 -10.35
CA CYS B 176 1.90 14.47 -9.92
C CYS B 176 2.20 13.35 -10.92
N PRO B 177 3.35 12.68 -10.86
CA PRO B 177 3.64 11.68 -11.90
C PRO B 177 2.56 10.60 -12.01
N GLY B 178 2.06 10.41 -13.22
CA GLY B 178 1.02 9.44 -13.50
C GLY B 178 -0.37 9.76 -12.99
N VAL B 179 -0.60 10.94 -12.40
CA VAL B 179 -1.96 11.33 -12.02
C VAL B 179 -2.36 12.53 -12.88
N TYR B 180 -3.32 12.30 -13.76
CA TYR B 180 -3.70 13.27 -14.78
C TYR B 180 -5.00 13.90 -14.34
N TYR B 181 -5.02 15.26 -14.26
CA TYR B 181 -6.22 15.98 -13.85
C TYR B 181 -6.27 17.27 -14.67
N THR B 182 -7.29 17.39 -15.46
CA THR B 182 -7.36 18.43 -16.50
C THR B 182 -8.74 19.05 -16.54
N PHE B 183 -8.76 20.29 -17.06
CA PHE B 183 -9.99 21.08 -17.18
C PHE B 183 -10.17 21.54 -18.63
N PRO B 184 -10.52 20.62 -19.53
CA PRO B 184 -10.30 20.89 -20.97
C PRO B 184 -11.25 21.90 -21.56
N MET B 185 -12.45 22.07 -20.99
CA MET B 185 -13.40 23.03 -21.52
C MET B 185 -13.14 24.46 -21.07
N GLY B 186 -12.38 24.66 -19.99
CA GLY B 186 -12.14 25.97 -19.40
C GLY B 186 -13.44 26.65 -19.01
N PRO B 187 -13.52 28.00 -19.16
CA PRO B 187 -14.65 28.73 -18.61
C PRO B 187 -15.92 28.39 -19.35
N VAL B 188 -16.96 28.01 -18.61
CA VAL B 188 -18.20 27.60 -19.25
C VAL B 188 -19.42 28.31 -18.65
N ALA B 189 -20.42 28.53 -19.50
CA ALA B 189 -21.78 28.88 -19.08
C ALA B 189 -22.61 27.62 -19.03
N THR B 190 -23.52 27.52 -18.06
CA THR B 190 -24.20 26.26 -17.83
C THR B 190 -25.70 26.43 -17.73
N SER B 191 -26.42 25.35 -18.00
N SER B 191 -26.40 25.33 -17.98
CA SER B 191 -27.85 25.33 -17.83
CA SER B 191 -27.84 25.29 -17.85
C SER B 191 -28.26 23.91 -17.44
C SER B 191 -28.20 23.89 -17.37
N VAL B 192 -29.27 23.80 -16.59
CA VAL B 192 -29.72 22.50 -16.09
C VAL B 192 -31.22 22.54 -16.04
N THR B 193 -31.87 21.43 -16.43
CA THR B 193 -33.31 21.21 -16.20
C THR B 193 -33.47 19.77 -15.77
N ALA B 194 -33.92 19.54 -14.54
CA ALA B 194 -34.04 18.16 -14.11
C ALA B 194 -35.20 17.99 -13.13
N THR B 195 -35.66 16.74 -13.04
CA THR B 195 -36.72 16.38 -12.10
C THR B 195 -36.21 15.24 -11.26
N PHE B 196 -36.36 15.36 -9.94
CA PHE B 196 -35.98 14.34 -8.99
C PHE B 196 -37.23 13.71 -8.38
N SER B 197 -37.26 12.39 -8.33
CA SER B 197 -38.47 11.68 -7.91
C SER B 197 -38.81 11.92 -6.45
N SER B 198 -37.80 11.86 -5.57
N SER B 198 -37.80 11.91 -5.58
CA SER B 198 -38.04 11.95 -4.13
CA SER B 198 -38.05 11.97 -4.14
C SER B 198 -36.96 12.85 -3.52
C SER B 198 -36.98 12.83 -3.49
N VAL B 199 -37.36 14.01 -3.03
CA VAL B 199 -36.43 14.95 -2.41
C VAL B 199 -36.92 15.26 -1.01
N GLY B 200 -36.00 15.31 -0.06
CA GLY B 200 -36.31 15.71 1.30
C GLY B 200 -37.08 14.62 2.04
N ALA B 201 -37.45 14.94 3.29
CA ALA B 201 -38.12 13.97 4.14
C ALA B 201 -39.54 13.66 3.68
N ASN B 202 -40.14 14.53 2.85
CA ASN B 202 -41.46 14.28 2.28
C ASN B 202 -41.43 13.33 1.08
N GLY B 203 -40.25 12.98 0.58
CA GLY B 203 -40.19 12.15 -0.60
C GLY B 203 -40.95 12.71 -1.79
N GLU B 204 -41.12 14.02 -1.84
CA GLU B 204 -41.89 14.63 -2.90
C GLU B 204 -41.01 15.04 -4.06
N SER B 205 -41.56 14.93 -5.26
CA SER B 205 -40.84 15.26 -6.48
C SER B 205 -40.53 16.76 -6.55
N ARG B 206 -39.39 17.11 -7.17
CA ARG B 206 -39.03 18.51 -7.35
C ARG B 206 -38.32 18.68 -8.68
N GLU B 207 -38.53 19.83 -9.32
CA GLU B 207 -37.70 20.26 -10.44
C GLU B 207 -36.52 21.10 -9.95
N LEU B 208 -35.47 21.13 -10.76
CA LEU B 208 -34.33 21.97 -10.51
C LEU B 208 -33.94 22.66 -11.82
N PHE B 209 -33.61 23.95 -11.75
CA PHE B 209 -33.35 24.70 -12.97
C PHE B 209 -32.22 25.69 -12.78
N ILE B 210 -31.39 25.79 -13.83
CA ILE B 210 -30.43 26.86 -14.00
C ILE B 210 -30.54 27.37 -15.45
N SER B 211 -30.80 28.67 -15.62
N SER B 211 -30.79 28.67 -15.62
CA SER B 211 -30.92 29.23 -16.97
CA SER B 211 -30.93 29.23 -16.96
C SER B 211 -29.57 29.48 -17.61
C SER B 211 -29.57 29.48 -17.61
N SER B 212 -28.71 30.24 -16.95
CA SER B 212 -27.35 30.48 -17.43
C SER B 212 -26.49 30.70 -16.19
N GLY B 213 -25.79 29.66 -15.78
CA GLY B 213 -24.96 29.77 -14.59
C GLY B 213 -23.51 29.49 -14.92
N TYR B 214 -22.80 28.90 -13.94
CA TYR B 214 -21.36 28.66 -14.05
C TYR B 214 -21.07 27.21 -13.67
N GLY B 215 -19.80 26.87 -13.67
CA GLY B 215 -19.48 25.47 -13.45
C GLY B 215 -18.24 25.09 -14.21
N GLY B 216 -18.07 23.78 -14.38
CA GLY B 216 -16.87 23.35 -15.06
C GLY B 216 -16.82 21.84 -15.23
N MET B 217 -15.86 21.41 -16.04
CA MET B 217 -15.70 20.00 -16.40
C MET B 217 -14.32 19.56 -15.95
N VAL B 218 -14.23 18.31 -15.45
CA VAL B 218 -12.98 17.67 -15.06
C VAL B 218 -12.80 16.39 -15.84
N ARG B 219 -11.62 16.20 -16.41
CA ARG B 219 -11.25 14.92 -17.00
C ARG B 219 -10.01 14.46 -16.27
N GLY B 220 -10.08 13.31 -15.57
CA GLY B 220 -8.88 12.81 -14.90
C GLY B 220 -8.74 11.30 -15.00
N TRP B 221 -7.52 10.81 -14.75
CA TRP B 221 -7.33 9.35 -14.77
C TRP B 221 -5.98 9.05 -14.12
N SER B 222 -5.86 7.79 -13.64
CA SER B 222 -4.53 7.38 -13.16
C SER B 222 -4.53 5.85 -12.95
N ALA B 223 -3.32 5.28 -13.03
CA ALA B 223 -3.12 3.93 -12.52
C ALA B 223 -2.87 3.89 -11.04
N ARG B 224 -2.66 5.04 -10.41
CA ARG B 224 -2.28 5.13 -8.98
C ARG B 224 -3.50 5.31 -8.10
N PRO B 225 -3.73 4.45 -7.12
CA PRO B 225 -4.91 4.62 -6.27
C PRO B 225 -4.75 5.85 -5.41
N TRP B 226 -5.89 6.48 -5.06
CA TRP B 226 -5.81 7.76 -4.33
C TRP B 226 -5.00 7.71 -3.03
N PRO B 227 -5.13 6.69 -2.17
CA PRO B 227 -4.34 6.70 -0.93
C PRO B 227 -2.84 6.76 -1.16
N THR B 228 -2.34 6.31 -2.31
CA THR B 228 -0.90 6.29 -2.52
C THR B 228 -0.32 7.67 -2.82
N PHE B 229 -1.15 8.70 -3.08
CA PHE B 229 -0.58 10.02 -3.28
C PHE B 229 -1.31 11.13 -2.53
N MET B 230 -2.36 10.83 -1.76
CA MET B 230 -3.02 11.87 -0.96
C MET B 230 -3.72 11.30 0.28
N ASN B 231 -3.98 12.17 1.26
CA ASN B 231 -4.91 11.80 2.30
C ASN B 231 -5.84 12.98 2.59
N ASP B 232 -5.76 14.04 1.81
CA ASP B 232 -6.67 15.18 1.99
C ASP B 232 -6.73 15.87 0.63
N ALA B 233 -7.90 16.32 0.22
CA ALA B 233 -8.02 16.98 -1.08
C ALA B 233 -9.10 18.05 -1.01
N TYR B 234 -8.92 19.11 -1.81
CA TYR B 234 -9.94 20.15 -2.00
C TYR B 234 -10.06 20.40 -3.50
N TYR B 235 -11.29 20.44 -3.96
CA TYR B 235 -11.55 20.81 -5.35
C TYR B 235 -12.62 21.90 -5.35
N VAL B 236 -12.43 22.92 -6.20
CA VAL B 236 -13.50 23.88 -6.42
C VAL B 236 -13.49 24.35 -7.87
N VAL B 237 -14.66 24.68 -8.36
CA VAL B 237 -14.82 25.47 -9.59
C VAL B 237 -15.61 26.72 -9.20
N ALA B 238 -15.13 27.90 -9.60
CA ALA B 238 -15.77 29.10 -9.04
C ALA B 238 -15.83 30.20 -10.09
N GLN B 239 -16.72 31.17 -9.84
CA GLN B 239 -16.83 32.38 -10.68
C GLN B 239 -16.76 33.56 -9.73
N VAL B 240 -15.82 34.49 -9.96
CA VAL B 240 -15.56 35.62 -9.04
C VAL B 240 -15.48 36.86 -9.92
N GLY B 241 -16.58 37.62 -9.99
CA GLY B 241 -16.58 38.74 -10.94
C GLY B 241 -16.31 38.22 -12.34
N PRO B 242 -15.33 38.81 -13.03
CA PRO B 242 -14.97 38.35 -14.39
C PRO B 242 -14.07 37.13 -14.41
N TYR B 243 -13.61 36.67 -13.26
CA TYR B 243 -12.72 35.51 -13.18
C TYR B 243 -13.50 34.20 -13.13
N MET B 244 -12.91 33.16 -13.72
CA MET B 244 -13.34 31.78 -13.52
C MET B 244 -12.13 30.98 -13.05
N LEU B 245 -12.30 30.12 -12.04
CA LEU B 245 -11.13 29.36 -11.62
C LEU B 245 -11.53 27.91 -11.31
N GLN B 246 -10.54 27.02 -11.45
CA GLN B 246 -10.71 25.60 -11.14
C GLN B 246 -9.45 25.13 -10.49
N ILE B 247 -9.56 24.43 -9.36
CA ILE B 247 -8.32 23.92 -8.74
C ILE B 247 -8.61 22.60 -8.06
N LEU B 248 -7.68 21.64 -8.20
CA LEU B 248 -7.56 20.53 -7.25
C LEU B 248 -6.26 20.71 -6.49
N ARG B 249 -6.32 20.59 -5.16
CA ARG B 249 -5.11 20.60 -4.35
C ARG B 249 -5.18 19.35 -3.48
N THR B 250 -4.11 18.54 -3.51
CA THR B 250 -4.01 17.41 -2.58
C THR B 250 -2.89 17.62 -1.57
N LEU B 251 -3.09 17.05 -0.35
CA LEU B 251 -2.03 16.98 0.66
C LEU B 251 -1.60 15.53 0.70
N GLY B 252 -0.29 15.30 0.67
CA GLY B 252 0.20 13.94 0.44
C GLY B 252 0.07 13.03 1.64
N SER B 253 -0.16 11.74 1.34
CA SER B 253 -0.01 10.73 2.36
C SER B 253 1.46 10.38 2.53
N VAL B 254 1.73 9.49 3.48
CA VAL B 254 3.11 9.07 3.75
C VAL B 254 3.75 8.43 2.50
N PHE B 255 2.94 7.86 1.63
CA PHE B 255 3.45 7.20 0.43
C PHE B 255 4.08 8.15 -0.58
N VAL B 256 3.79 9.46 -0.51
CA VAL B 256 4.54 10.45 -1.27
C VAL B 256 5.21 11.46 -0.33
N GLN B 257 5.66 11.01 0.85
CA GLN B 257 6.43 11.83 1.77
C GLN B 257 5.68 13.11 2.13
N HIS B 258 4.34 13.01 2.17
CA HIS B 258 3.48 14.16 2.53
C HIS B 258 3.67 15.38 1.61
N LYS B 259 4.04 15.15 0.36
CA LYS B 259 4.14 16.28 -0.59
C LYS B 259 2.76 16.81 -0.99
N PRO B 260 2.59 18.13 -1.07
CA PRO B 260 1.37 18.67 -1.64
C PRO B 260 1.49 18.86 -3.15
N PHE B 261 0.35 18.67 -3.82
CA PHE B 261 0.28 18.81 -5.27
C PHE B 261 -0.92 19.68 -5.63
N ALA B 262 -0.87 20.33 -6.80
CA ALA B 262 -2.07 21.04 -7.26
C ALA B 262 -2.11 21.18 -8.78
N VAL B 263 -3.31 21.25 -9.31
CA VAL B 263 -3.56 21.67 -10.70
C VAL B 263 -4.55 22.81 -10.60
N ALA B 264 -4.16 24.00 -11.09
CA ALA B 264 -5.05 25.16 -10.93
C ALA B 264 -5.08 25.97 -12.21
N ARG B 265 -6.23 26.54 -12.52
CA ARG B 265 -6.32 27.44 -13.68
C ARG B 265 -7.14 28.65 -13.31
N LEU B 266 -6.67 29.84 -13.73
CA LEU B 266 -7.40 31.10 -13.50
C LEU B 266 -7.65 31.76 -14.85
N TYR B 267 -8.92 32.03 -15.17
CA TYR B 267 -9.30 32.71 -16.41
C TYR B 267 -9.89 34.09 -16.11
N LEU B 268 -9.64 35.05 -17.01
CA LEU B 268 -10.32 36.36 -17.03
C LEU B 268 -11.20 36.31 -18.28
N ASP B 269 -12.52 36.25 -18.10
CA ASP B 269 -13.36 35.86 -19.21
C ASP B 269 -12.83 34.55 -19.82
N GLY B 270 -12.59 34.50 -21.11
CA GLY B 270 -12.14 33.32 -21.78
C GLY B 270 -10.65 33.23 -21.92
N SER B 271 -9.90 34.17 -21.34
CA SER B 271 -8.45 34.20 -21.47
C SER B 271 -7.77 33.57 -20.25
N LEU B 272 -6.80 32.73 -20.48
CA LEU B 272 -6.13 32.09 -19.37
C LEU B 272 -5.14 33.09 -18.79
N VAL B 273 -5.23 33.38 -17.50
CA VAL B 273 -4.24 34.29 -16.94
C VAL B 273 -3.21 33.63 -16.02
N SER B 274 -3.50 32.45 -15.44
CA SER B 274 -2.51 31.75 -14.63
C SER B 274 -2.78 30.26 -14.79
N ALA B 275 -1.72 29.48 -15.00
CA ALA B 275 -1.82 28.03 -15.07
C ALA B 275 -0.76 27.50 -14.13
N ALA B 276 -1.18 26.81 -13.04
CA ALA B 276 -0.21 26.32 -12.07
C ALA B 276 -0.33 24.81 -11.98
N ASN B 277 0.81 24.11 -11.98
CA ASN B 277 0.84 22.69 -11.62
C ASN B 277 1.81 22.48 -10.47
N THR B 278 2.00 23.51 -9.67
CA THR B 278 2.95 23.52 -8.57
C THR B 278 2.32 24.28 -7.42
N VAL B 279 2.59 23.85 -6.21
CA VAL B 279 2.25 24.69 -5.08
C VAL B 279 3.45 25.57 -4.75
N VAL B 280 3.20 26.65 -4.04
CA VAL B 280 4.24 27.51 -3.49
C VAL B 280 4.84 26.80 -2.28
N GLY B 281 4.02 26.65 -1.24
CA GLY B 281 4.48 26.12 0.04
C GLY B 281 3.63 24.97 0.55
N GLY B 293 3.75 28.01 -15.56
CA GLY B 293 4.92 27.88 -14.70
C GLY B 293 4.68 28.63 -13.41
N ASP B 294 3.41 28.95 -13.20
CA ASP B 294 2.95 29.69 -12.02
C ASP B 294 2.77 28.73 -10.85
N ALA B 295 2.56 29.30 -9.65
CA ALA B 295 2.39 28.48 -8.45
C ALA B 295 1.19 28.96 -7.66
N VAL B 296 0.53 28.02 -6.93
CA VAL B 296 -0.60 28.42 -6.08
C VAL B 296 -0.22 28.10 -4.65
N ARG B 297 -0.83 28.87 -3.73
CA ARG B 297 -0.83 28.60 -2.30
C ARG B 297 -2.28 28.42 -1.87
N LEU B 298 -2.57 27.41 -1.06
CA LEU B 298 -3.94 27.21 -0.59
C LEU B 298 -3.87 26.94 0.91
N THR B 299 -4.43 27.85 1.71
CA THR B 299 -4.29 27.82 3.17
C THR B 299 -5.66 27.62 3.79
N LYS B 300 -5.75 26.69 4.74
CA LYS B 300 -7.01 26.52 5.44
C LYS B 300 -7.26 27.68 6.40
N VAL B 301 -8.55 28.06 6.51
CA VAL B 301 -9.01 29.09 7.45
C VAL B 301 -9.68 28.37 8.60
N GLN B 302 -9.27 28.68 9.85
CA GLN B 302 -9.82 28.01 11.04
C GLN B 302 -10.88 28.89 11.68
N PRO B 303 -11.82 28.28 12.44
CA PRO B 303 -12.95 29.07 12.96
C PRO B 303 -12.57 30.07 14.03
N ASP B 304 -11.35 30.03 14.56
CA ASP B 304 -10.87 31.06 15.48
C ASP B 304 -10.30 32.25 14.75
N GLU B 305 -10.22 32.17 13.41
CA GLU B 305 -9.64 33.23 12.57
C GLU B 305 -10.67 34.05 11.80
N LYS B 306 -11.83 33.51 11.50
CA LYS B 306 -12.83 34.20 10.70
C LYS B 306 -14.19 33.77 11.18
N SER B 307 -15.11 34.73 11.28
CA SER B 307 -16.42 34.44 11.85
C SER B 307 -17.41 33.84 10.85
N GLN B 308 -17.23 34.05 9.55
CA GLN B 308 -18.15 33.53 8.56
C GLN B 308 -17.62 32.21 8.00
N GLY B 309 -18.51 31.23 7.89
CA GLY B 309 -18.20 29.98 7.20
C GLY B 309 -18.49 28.75 8.06
N LEU B 310 -19.11 27.73 7.46
CA LEU B 310 -19.37 26.43 8.07
C LEU B 310 -18.11 25.56 8.08
N SER B 311 -18.02 24.69 9.07
N SER B 311 -18.03 24.69 9.09
CA SER B 311 -17.09 23.58 8.92
CA SER B 311 -17.13 23.53 9.11
C SER B 311 -17.82 22.29 8.61
C SER B 311 -17.85 22.27 8.62
N GLY B 312 -17.06 21.32 8.14
CA GLY B 312 -17.57 19.99 7.91
C GLY B 312 -17.82 19.26 9.23
N LYS B 313 -18.40 18.08 9.09
CA LYS B 313 -18.83 17.31 10.26
C LYS B 313 -17.79 16.33 10.79
N PHE B 314 -16.56 16.40 10.28
CA PHE B 314 -15.53 15.42 10.62
C PHE B 314 -14.35 16.06 11.29
N ARG B 315 -13.16 15.46 11.20
CA ARG B 315 -12.06 16.02 12.01
C ARG B 315 -11.47 17.29 11.40
N ASP B 316 -11.74 17.57 10.11
CA ASP B 316 -11.20 18.78 9.49
C ASP B 316 -12.10 19.92 9.87
N GLY B 317 -11.63 20.81 10.74
CA GLY B 317 -12.53 21.84 11.19
C GLY B 317 -12.47 23.15 10.43
N ASN B 318 -11.85 23.18 9.25
CA ASN B 318 -11.73 24.48 8.56
C ASN B 318 -13.10 25.05 8.15
N VAL B 319 -13.15 26.38 8.03
CA VAL B 319 -14.36 27.07 7.61
C VAL B 319 -14.16 27.71 6.24
N GLY B 320 -13.10 27.36 5.56
CA GLY B 320 -12.83 27.94 4.26
C GLY B 320 -11.35 27.90 3.96
N TYR B 321 -10.95 28.62 2.89
CA TYR B 321 -9.56 28.65 2.44
C TYR B 321 -9.15 30.01 1.88
N VAL B 322 -7.83 30.26 1.84
CA VAL B 322 -7.26 31.42 1.12
C VAL B 322 -6.52 30.83 -0.06
N LEU B 323 -6.89 31.25 -1.29
CA LEU B 323 -6.27 30.73 -2.53
C LEU B 323 -5.47 31.84 -3.19
N GLU B 324 -4.17 31.64 -3.37
CA GLU B 324 -3.30 32.66 -3.97
C GLU B 324 -2.70 32.11 -5.25
N PHE B 325 -2.75 32.90 -6.33
CA PHE B 325 -2.01 32.61 -7.56
C PHE B 325 -0.82 33.54 -7.66
N ALA B 326 0.38 32.98 -7.83
CA ALA B 326 1.60 33.76 -7.91
C ALA B 326 2.25 33.49 -9.27
N LYS B 327 2.70 34.56 -9.92
CA LYS B 327 3.39 34.45 -11.20
C LYS B 327 4.71 35.21 -11.12
N LYS B 328 5.70 34.75 -11.89
CA LYS B 328 7.03 35.34 -11.73
C LYS B 328 7.04 36.84 -11.99
N ASP B 329 6.30 37.31 -13.01
CA ASP B 329 6.34 38.70 -13.41
C ASP B 329 5.23 39.55 -12.81
N SER B 330 4.49 39.02 -11.84
CA SER B 330 3.44 39.76 -11.17
C SER B 330 3.87 40.03 -9.74
N GLU B 331 3.88 41.30 -9.35
CA GLU B 331 4.32 41.63 -8.01
C GLU B 331 3.38 41.05 -6.96
N HIS B 332 2.06 41.22 -7.16
CA HIS B 332 1.07 40.93 -6.15
C HIS B 332 0.24 39.69 -6.41
N GLY B 333 0.14 39.24 -7.67
CA GLY B 333 -0.62 38.04 -8.01
C GLY B 333 -2.11 38.25 -7.78
N TRP B 334 -2.80 37.15 -7.50
CA TRP B 334 -4.22 37.22 -7.21
C TRP B 334 -4.47 36.47 -5.90
N THR B 335 -5.41 36.97 -5.09
CA THR B 335 -5.78 36.29 -3.85
C THR B 335 -7.29 36.19 -3.75
N PHE B 336 -7.80 35.00 -3.39
CA PHE B 336 -9.24 34.81 -3.25
C PHE B 336 -9.58 34.22 -1.87
N GLN B 337 -10.55 34.81 -1.18
N GLN B 337 -10.54 34.84 -1.18
CA GLN B 337 -10.96 34.31 0.12
CA GLN B 337 -11.05 34.33 0.09
C GLN B 337 -12.21 33.43 -0.08
C GLN B 337 -12.22 33.40 -0.15
N ILE B 338 -12.15 32.17 0.37
CA ILE B 338 -13.21 31.19 0.14
C ILE B 338 -13.84 30.81 1.48
N SER B 339 -15.18 30.91 1.56
CA SER B 339 -15.90 30.63 2.80
C SER B 339 -16.94 29.57 2.55
N HIS B 340 -17.05 28.54 3.42
CA HIS B 340 -18.06 27.51 3.19
C HIS B 340 -19.45 28.03 3.52
N LYS B 341 -20.28 28.24 2.51
CA LYS B 341 -21.57 28.91 2.75
C LYS B 341 -22.74 27.94 2.91
N ARG B 342 -22.81 26.89 2.10
CA ARG B 342 -23.93 25.97 2.13
C ARG B 342 -23.44 24.55 2.00
N ALA B 343 -23.96 23.66 2.83
CA ALA B 343 -23.58 22.26 2.79
C ALA B 343 -24.32 21.56 1.65
N VAL B 344 -23.60 20.76 0.87
CA VAL B 344 -24.26 19.99 -0.19
C VAL B 344 -24.30 18.52 0.23
N TRP B 345 -23.16 17.80 0.26
CA TRP B 345 -23.13 16.41 0.76
C TRP B 345 -22.23 16.28 2.00
N SER B 346 -22.40 15.17 2.73
CA SER B 346 -21.53 14.89 3.88
C SER B 346 -21.53 13.39 4.11
N GLU B 347 -20.36 12.76 4.00
CA GLU B 347 -20.34 11.29 4.15
C GLU B 347 -19.04 10.88 4.86
N PRO B 348 -19.09 9.90 5.77
CA PRO B 348 -17.85 9.48 6.45
C PRO B 348 -16.97 8.62 5.55
N THR B 349 -15.67 8.66 5.86
CA THR B 349 -14.70 7.82 5.17
C THR B 349 -13.93 6.99 6.17
N SER B 350 -14.40 6.96 7.41
CA SER B 350 -13.81 6.09 8.43
C SER B 350 -14.87 5.85 9.49
N ALA B 351 -14.54 4.93 10.40
CA ALA B 351 -15.34 4.79 11.61
C ALA B 351 -15.40 6.11 12.38
N PRO B 352 -16.54 6.42 13.02
CA PRO B 352 -16.65 7.67 13.77
C PRO B 352 -15.74 7.70 14.99
N GLY B 353 -15.49 8.91 15.46
CA GLY B 353 -14.58 9.11 16.55
C GLY B 353 -13.94 10.48 16.48
N PRO B 354 -13.09 10.75 17.47
CA PRO B 354 -12.39 12.04 17.51
C PRO B 354 -11.56 12.31 16.27
N ASP B 355 -10.96 11.30 15.67
CA ASP B 355 -10.22 11.50 14.44
C ASP B 355 -10.95 10.93 13.23
N GLY B 356 -12.27 10.87 13.27
CA GLY B 356 -13.03 10.31 12.15
C GLY B 356 -12.95 11.26 10.96
N THR B 357 -12.71 10.68 9.79
CA THR B 357 -12.61 11.47 8.55
C THR B 357 -13.88 11.41 7.70
N GLY B 358 -14.01 12.38 6.77
CA GLY B 358 -15.13 12.26 5.85
C GLY B 358 -14.95 13.17 4.66
N LYS B 359 -16.01 13.28 3.86
CA LYS B 359 -16.01 14.17 2.70
C LYS B 359 -17.22 15.10 2.81
N SER B 360 -17.03 16.32 2.31
CA SER B 360 -18.05 17.37 2.47
C SER B 360 -18.12 18.19 1.21
N GLY B 361 -19.33 18.43 0.68
CA GLY B 361 -19.50 19.27 -0.50
C GLY B 361 -20.08 20.62 -0.11
N TRP B 362 -19.75 21.65 -0.90
CA TRP B 362 -20.07 23.02 -0.51
C TRP B 362 -20.54 23.85 -1.69
N ILE B 363 -21.46 24.79 -1.44
CA ILE B 363 -21.45 26.06 -2.19
C ILE B 363 -20.60 27.04 -1.40
N GLU B 364 -19.55 27.57 -2.05
CA GLU B 364 -18.61 28.48 -1.42
C GLU B 364 -19.00 29.90 -1.79
N ALA B 365 -18.79 30.82 -0.85
CA ALA B 365 -18.76 32.25 -1.16
C ALA B 365 -17.32 32.67 -1.37
N ILE B 366 -17.01 33.38 -2.46
CA ILE B 366 -15.62 33.66 -2.78
C ILE B 366 -15.50 35.14 -3.12
N SER B 367 -14.39 35.74 -2.72
CA SER B 367 -14.20 37.16 -3.03
C SER B 367 -12.71 37.41 -3.24
N GLY B 368 -12.40 38.49 -3.99
CA GLY B 368 -11.01 38.90 -4.11
C GLY B 368 -10.60 39.24 -5.54
N GLY B 369 -9.34 38.93 -5.87
CA GLY B 369 -8.79 39.20 -7.19
C GLY B 369 -7.39 39.75 -7.04
N ALA B 370 -6.97 40.58 -8.01
CA ALA B 370 -5.67 41.21 -7.95
C ALA B 370 -5.71 42.42 -7.03
N LYS B 371 -4.57 43.07 -6.86
CA LYS B 371 -4.51 44.21 -5.95
C LYS B 371 -5.52 45.26 -6.40
N GLY B 372 -6.30 45.75 -5.44
CA GLY B 372 -7.30 46.74 -5.74
C GLY B 372 -8.60 46.16 -6.24
N GLU B 373 -8.72 44.84 -6.34
CA GLU B 373 -9.98 44.26 -6.76
C GLU B 373 -10.62 43.54 -5.58
N ASN B 374 -11.95 43.63 -5.49
CA ASN B 374 -12.66 42.80 -4.54
C ASN B 374 -13.99 42.37 -5.16
N TYR B 375 -13.86 41.52 -6.17
CA TYR B 375 -15.01 40.93 -6.79
C TYR B 375 -15.61 39.89 -5.87
N GLU B 376 -16.84 39.47 -6.19
CA GLU B 376 -17.57 38.55 -5.35
C GLU B 376 -18.24 37.50 -6.22
N GLY B 377 -18.26 36.27 -5.74
CA GLY B 377 -18.99 35.26 -6.47
C GLY B 377 -19.16 34.01 -5.63
N HIS B 378 -19.26 32.85 -6.29
CA HIS B 378 -19.56 31.60 -5.61
C HIS B 378 -18.77 30.51 -6.28
N GLY B 379 -18.70 29.37 -5.60
CA GLY B 379 -18.08 28.20 -6.17
C GLY B 379 -18.81 26.94 -5.74
N PHE B 380 -18.51 25.84 -6.44
N PHE B 380 -18.55 25.87 -6.49
CA PHE B 380 -19.10 24.53 -6.13
CA PHE B 380 -19.05 24.53 -6.21
C PHE B 380 -17.94 23.60 -5.84
C PHE B 380 -17.83 23.71 -5.81
N GLY B 381 -17.78 23.22 -4.57
CA GLY B 381 -16.53 22.66 -4.09
C GLY B 381 -16.74 21.42 -3.24
N GLY B 382 -15.63 20.73 -2.98
CA GLY B 382 -15.72 19.61 -2.06
C GLY B 382 -14.37 19.35 -1.47
N GLN B 383 -14.37 18.81 -0.26
CA GLN B 383 -13.11 18.38 0.35
C GLN B 383 -13.28 16.96 0.89
N LEU B 384 -12.14 16.25 1.02
CA LEU B 384 -12.16 14.82 1.36
C LEU B 384 -10.94 14.56 2.24
N GLN B 385 -11.11 13.81 3.33
CA GLN B 385 -9.92 13.17 3.94
C GLN B 385 -10.14 11.68 3.96
N ILE B 386 -9.03 10.95 3.90
CA ILE B 386 -9.12 9.52 4.15
C ILE B 386 -8.09 9.19 5.22
N PRO B 387 -8.31 8.12 6.02
CA PRO B 387 -7.55 7.89 7.25
C PRO B 387 -6.21 7.21 6.97
N VAL B 388 -5.42 7.84 6.12
CA VAL B 388 -4.09 7.33 5.74
C VAL B 388 -3.07 8.29 6.37
N PRO B 389 -2.04 7.80 7.08
CA PRO B 389 -1.08 8.77 7.60
C PRO B 389 -0.09 9.30 6.56
N GLU C 6 32.55 4.88 -25.30
CA GLU C 6 33.42 3.77 -24.90
C GLU C 6 32.74 2.70 -24.04
N PRO C 7 31.90 3.10 -23.07
CA PRO C 7 31.50 2.14 -22.04
C PRO C 7 30.84 0.89 -22.61
N THR C 8 31.00 -0.23 -21.90
CA THR C 8 30.27 -1.42 -22.28
C THR C 8 28.78 -1.32 -21.92
N SER C 9 28.47 -0.58 -20.85
CA SER C 9 27.12 -0.36 -20.40
C SER C 9 26.98 1.10 -20.01
N SER C 10 25.85 1.71 -20.36
CA SER C 10 25.67 3.13 -20.06
C SER C 10 24.21 3.39 -19.75
N SER C 11 23.93 4.11 -18.66
CA SER C 11 22.57 4.48 -18.29
C SER C 11 22.54 5.97 -17.97
N SER C 12 21.82 6.74 -18.78
CA SER C 12 21.72 8.17 -18.57
C SER C 12 20.26 8.57 -18.43
N LEU C 13 19.86 9.01 -17.23
CA LEU C 13 18.48 9.45 -17.03
C LEU C 13 18.44 10.94 -16.73
N ASP C 14 17.41 11.59 -17.25
CA ASP C 14 17.18 13.00 -17.00
C ASP C 14 15.77 13.09 -16.39
N ILE C 15 15.70 13.37 -15.08
CA ILE C 15 14.42 13.32 -14.41
C ILE C 15 13.48 14.41 -14.92
N THR C 16 13.99 15.40 -15.67
CA THR C 16 13.14 16.42 -16.28
C THR C 16 12.71 16.05 -17.69
N SER C 17 12.98 14.82 -18.14
CA SER C 17 12.61 14.36 -19.48
C SER C 17 11.68 13.15 -19.44
N ASN C 18 10.83 13.07 -18.43
CA ASN C 18 9.78 12.04 -18.29
C ASN C 18 10.34 10.63 -18.52
N CYS C 19 11.24 10.23 -17.65
CA CYS C 19 11.72 8.85 -17.58
C CYS C 19 11.07 8.08 -16.43
N ILE C 20 9.83 8.43 -16.06
CA ILE C 20 9.15 7.93 -14.84
C ILE C 20 7.82 7.31 -15.24
N ILE C 21 7.67 6.02 -15.00
CA ILE C 21 6.43 5.34 -15.31
C ILE C 21 5.74 4.99 -14.00
N GLU C 22 4.39 4.93 -14.03
CA GLU C 22 3.60 4.92 -12.82
C GLU C 22 3.14 3.53 -12.41
N THR C 23 3.60 2.49 -13.09
CA THR C 23 3.33 1.10 -12.72
C THR C 23 4.67 0.46 -12.38
N PRO C 24 4.67 -0.73 -11.79
CA PRO C 24 5.93 -1.33 -11.33
C PRO C 24 6.85 -1.72 -12.46
N LEU C 25 8.15 -1.59 -12.19
CA LEU C 25 9.20 -2.02 -13.10
C LEU C 25 10.03 -3.08 -12.42
N GLN C 26 10.31 -4.12 -13.13
CA GLN C 26 11.23 -5.15 -12.57
C GLN C 26 12.69 -4.78 -12.89
N PRO C 27 13.59 -4.86 -11.91
CA PRO C 27 14.99 -4.55 -12.17
C PRO C 27 15.67 -5.66 -12.95
N SER C 28 16.82 -5.32 -13.52
N SER C 28 16.81 -5.33 -13.55
CA SER C 28 17.72 -6.35 -14.02
CA SER C 28 17.67 -6.39 -14.07
C SER C 28 18.07 -7.32 -12.89
C SER C 28 18.11 -7.29 -12.92
N ASP C 29 18.37 -8.57 -13.25
CA ASP C 29 18.63 -9.58 -12.21
C ASP C 29 19.89 -9.27 -11.40
N PHE C 30 19.87 -9.71 -10.13
CA PHE C 30 21.06 -9.64 -9.30
C PHE C 30 22.13 -10.56 -9.91
N LEU C 31 23.40 -10.09 -9.92
CA LEU C 31 24.58 -10.81 -10.42
C LEU C 31 25.39 -11.38 -9.26
N PRO C 32 25.45 -12.69 -9.09
CA PRO C 32 26.26 -13.22 -7.98
C PRO C 32 27.72 -12.85 -8.15
N LYS C 33 28.42 -12.69 -7.01
CA LYS C 33 29.86 -12.40 -6.99
C LYS C 33 30.20 -11.16 -7.80
N SER C 34 29.28 -10.21 -7.89
CA SER C 34 29.50 -8.91 -8.52
C SER C 34 29.09 -7.82 -7.54
N ALA C 35 29.64 -6.62 -7.72
CA ALA C 35 29.25 -5.49 -6.87
C ALA C 35 27.94 -4.87 -7.35
N ASN C 36 27.43 -5.33 -8.50
CA ASN C 36 26.17 -4.84 -9.03
C ASN C 36 26.09 -3.32 -9.05
N LEU C 37 27.18 -2.68 -9.48
CA LEU C 37 27.26 -1.24 -9.36
C LEU C 37 26.53 -0.52 -10.49
N PHE C 38 26.36 -1.17 -11.65
CA PHE C 38 25.61 -0.55 -12.73
C PHE C 38 24.11 -0.53 -12.37
N PRO C 39 23.39 0.52 -12.75
CA PRO C 39 21.97 0.60 -12.40
C PRO C 39 21.18 -0.63 -12.79
N LYS C 40 20.28 -1.03 -11.88
CA LYS C 40 19.37 -2.13 -12.08
C LYS C 40 18.08 -1.68 -12.78
N PHE C 41 17.84 -0.38 -12.87
CA PHE C 41 16.74 0.18 -13.66
C PHE C 41 17.35 1.11 -14.70
N PRO C 42 18.01 0.58 -15.72
CA PRO C 42 18.91 1.43 -16.51
C PRO C 42 18.21 2.34 -17.48
N GLU C 43 17.01 2.00 -17.93
CA GLU C 43 16.40 2.79 -18.98
C GLU C 43 15.29 3.71 -18.49
N ARG C 44 14.73 3.44 -17.32
CA ARG C 44 13.65 4.29 -16.86
C ARG C 44 13.42 3.91 -15.43
N ILE C 45 12.76 4.77 -14.69
CA ILE C 45 12.44 4.41 -13.32
C ILE C 45 10.93 4.48 -13.17
N SER C 46 10.44 3.92 -12.08
CA SER C 46 9.02 4.02 -11.78
C SER C 46 8.81 4.94 -10.58
N VAL C 47 7.54 5.20 -10.29
CA VAL C 47 7.25 5.98 -9.09
C VAL C 47 7.69 5.27 -7.82
N ASP C 48 7.85 3.95 -7.84
CA ASP C 48 8.26 3.24 -6.63
C ASP C 48 9.76 2.88 -6.59
N SER C 49 10.43 2.75 -7.73
CA SER C 49 11.78 2.15 -7.71
C SER C 49 12.82 3.11 -7.11
N TRP C 50 13.87 2.53 -6.52
CA TRP C 50 14.93 3.38 -6.01
C TRP C 50 16.27 2.63 -6.14
N GLU C 51 17.36 3.41 -6.27
CA GLU C 51 18.71 2.87 -6.25
C GLU C 51 19.58 3.82 -5.45
N LEU C 52 20.57 3.25 -4.76
CA LEU C 52 21.39 4.00 -3.81
C LEU C 52 22.86 3.64 -4.01
N TRP C 53 23.71 4.67 -4.08
CA TRP C 53 25.19 4.54 -4.00
C TRP C 53 25.65 5.51 -2.89
N GLU C 54 26.11 4.99 -1.79
CA GLU C 54 26.37 5.78 -0.59
C GLU C 54 27.82 5.62 -0.14
N PHE C 55 28.42 6.71 0.34
CA PHE C 55 29.84 6.71 0.69
C PHE C 55 30.00 7.61 1.92
N ASP C 56 30.34 7.01 3.05
CA ASP C 56 30.38 7.75 4.33
C ASP C 56 31.77 7.65 4.92
N THR C 57 32.19 8.69 5.66
CA THR C 57 33.51 8.77 6.25
C THR C 57 33.43 9.40 7.64
N PHE C 58 34.35 9.01 8.50
CA PHE C 58 34.51 9.73 9.77
C PHE C 58 35.94 9.53 10.25
N ASP C 59 36.42 10.46 11.12
CA ASP C 59 37.79 10.29 11.60
C ASP C 59 37.85 9.32 12.78
N THR C 60 39.08 9.03 13.26
CA THR C 60 39.28 7.90 14.15
C THR C 60 38.67 8.12 15.53
N ASN C 61 38.60 9.35 16.00
CA ASN C 61 37.95 9.58 17.27
C ASN C 61 36.53 10.14 17.13
N GLY C 62 35.94 10.11 15.93
CA GLY C 62 34.59 10.59 15.73
C GLY C 62 34.38 12.07 15.94
N SER C 63 35.40 12.86 15.71
CA SER C 63 35.16 14.28 15.80
C SER C 63 34.77 14.93 14.49
N VAL C 64 34.88 14.22 13.36
CA VAL C 64 34.58 14.77 12.05
C VAL C 64 33.87 13.66 11.30
N ALA C 65 32.87 14.05 10.52
CA ALA C 65 32.14 13.09 9.68
C ALA C 65 31.72 13.77 8.38
N PHE C 66 31.64 12.97 7.31
CA PHE C 66 31.23 13.48 6.01
C PHE C 66 30.62 12.33 5.23
N GLY C 67 29.37 12.46 4.84
CA GLY C 67 28.70 11.35 4.15
C GLY C 67 27.93 11.86 2.95
N CYS C 68 27.83 11.00 1.92
CA CYS C 68 27.16 11.40 0.67
C CYS C 68 26.36 10.21 0.17
N SER C 69 25.04 10.36 0.08
CA SER C 69 24.18 9.30 -0.45
C SER C 69 23.62 9.76 -1.81
N LEU C 70 23.90 9.02 -2.88
CA LEU C 70 23.43 9.35 -4.21
C LEU C 70 22.25 8.44 -4.59
N TYR C 71 21.12 9.03 -4.94
CA TYR C 71 19.91 8.26 -5.23
C TYR C 71 19.45 8.45 -6.67
N ARG C 72 18.84 7.39 -7.22
CA ARG C 72 17.92 7.48 -8.35
C ARG C 72 16.56 7.02 -7.87
N ASP C 73 15.61 7.91 -7.90
CA ASP C 73 14.23 7.61 -7.52
C ASP C 73 13.43 8.83 -7.96
N ALA C 74 12.13 8.80 -7.70
CA ALA C 74 11.24 9.87 -8.16
C ALA C 74 10.92 10.90 -7.09
N ARG C 75 11.58 10.85 -5.94
CA ARG C 75 11.21 11.72 -4.83
C ARG C 75 11.43 13.20 -5.17
N GLY C 76 12.47 13.52 -5.93
CA GLY C 76 12.74 14.92 -6.24
C GLY C 76 12.17 15.45 -7.53
N VAL C 77 11.16 14.79 -8.11
CA VAL C 77 10.68 15.25 -9.42
C VAL C 77 10.21 16.69 -9.31
N GLU C 78 9.52 17.04 -8.22
CA GLU C 78 9.00 18.40 -8.06
C GLU C 78 10.13 19.41 -7.94
N GLN C 79 11.28 18.99 -7.42
CA GLN C 79 12.44 19.85 -7.29
C GLN C 79 13.36 19.81 -8.50
N GLY C 80 13.02 19.02 -9.52
CA GLY C 80 13.78 18.98 -10.75
C GLY C 80 15.03 18.14 -10.71
N GLY C 81 15.16 17.20 -9.77
CA GLY C 81 16.38 16.44 -9.79
C GLY C 81 16.34 15.15 -9.02
N PHE C 82 17.25 14.24 -9.39
CA PHE C 82 17.65 13.17 -8.50
C PHE C 82 18.32 13.74 -7.25
N HIS C 83 18.10 13.14 -6.10
CA HIS C 83 18.67 13.79 -4.93
C HIS C 83 19.99 13.17 -4.51
N ALA C 84 20.86 14.02 -3.97
CA ALA C 84 22.06 13.59 -3.26
C ALA C 84 21.92 14.13 -1.85
N GLU C 85 22.07 13.29 -0.84
CA GLU C 85 22.05 13.77 0.55
C GLU C 85 23.49 13.89 1.05
N VAL C 86 23.87 15.08 1.51
CA VAL C 86 25.25 15.38 1.88
C VAL C 86 25.25 15.98 3.28
N ASN C 87 26.03 15.40 4.18
CA ASN C 87 26.01 15.81 5.58
C ASN C 87 27.43 15.81 6.14
N ALA C 88 27.72 16.82 6.98
CA ALA C 88 29.06 17.03 7.51
C ALA C 88 28.99 17.50 8.96
N LEU C 89 29.97 17.09 9.77
CA LEU C 89 30.05 17.50 11.18
C LEU C 89 31.52 17.85 11.47
N TRP C 90 31.71 18.95 12.16
CA TRP C 90 32.99 19.50 12.58
C TRP C 90 33.24 19.25 14.07
N PRO C 91 34.50 19.40 14.52
CA PRO C 91 34.82 19.10 15.93
C PRO C 91 34.11 19.97 16.93
N ASP C 92 33.63 21.16 16.53
CA ASP C 92 32.99 22.03 17.48
C ASP C 92 31.51 21.77 17.54
N GLY C 93 31.04 20.73 16.86
CA GLY C 93 29.62 20.40 16.85
C GLY C 93 28.82 21.07 15.74
N THR C 94 29.44 21.92 14.93
CA THR C 94 28.72 22.56 13.84
C THR C 94 28.44 21.52 12.76
N HIS C 95 27.26 21.58 12.16
CA HIS C 95 26.95 20.56 11.15
C HIS C 95 26.38 21.24 9.91
N TRP C 96 26.59 20.61 8.77
CA TRP C 96 26.12 21.10 7.49
C TRP C 96 25.38 19.95 6.82
N GLY C 97 24.20 20.22 6.31
CA GLY C 97 23.44 19.14 5.66
C GLY C 97 22.46 19.68 4.65
N GLU C 98 22.40 19.07 3.45
CA GLU C 98 21.53 19.56 2.38
C GLU C 98 21.12 18.38 1.50
N THR C 99 19.87 18.38 1.04
CA THR C 99 19.48 17.55 -0.11
C THR C 99 19.78 18.36 -1.35
N LEU C 100 20.74 17.91 -2.16
CA LEU C 100 21.05 18.56 -3.43
C LEU C 100 20.33 17.85 -4.56
N TYR C 101 19.99 18.60 -5.60
CA TYR C 101 19.17 18.09 -6.71
C TYR C 101 19.93 18.19 -8.02
N PHE C 102 19.88 17.12 -8.82
CA PHE C 102 20.64 17.05 -10.08
C PHE C 102 19.72 16.46 -11.15
N ALA C 103 19.43 17.23 -12.20
CA ALA C 103 18.50 16.77 -13.24
C ALA C 103 18.93 15.44 -13.85
N VAL C 104 20.23 15.23 -14.03
CA VAL C 104 20.76 14.11 -14.81
C VAL C 104 21.57 13.22 -13.90
N SER C 105 21.38 11.91 -14.01
CA SER C 105 22.22 10.92 -13.39
C SER C 105 22.71 9.97 -14.46
N GLU C 106 24.03 9.80 -14.56
CA GLU C 106 24.65 8.92 -15.56
C GLU C 106 25.58 7.95 -14.85
N VAL C 107 25.48 6.66 -15.16
CA VAL C 107 26.37 5.66 -14.61
C VAL C 107 26.82 4.77 -15.76
N VAL C 108 28.11 4.52 -15.84
CA VAL C 108 28.68 3.69 -16.90
C VAL C 108 29.50 2.58 -16.29
N GLU C 109 29.55 1.45 -17.00
CA GLU C 109 30.52 0.40 -16.71
C GLU C 109 31.45 0.32 -17.90
N ASN C 110 32.73 0.62 -17.69
CA ASN C 110 33.72 0.68 -18.74
C ASN C 110 34.23 -0.71 -19.10
N SER C 111 34.90 -0.81 -20.26
CA SER C 111 35.37 -2.12 -20.70
C SER C 111 36.38 -2.71 -19.73
N ASP C 112 37.11 -1.86 -19.00
CA ASP C 112 38.09 -2.35 -18.04
C ASP C 112 37.49 -2.73 -16.69
N GLY C 113 36.16 -2.73 -16.55
CA GLY C 113 35.50 -3.11 -15.32
C GLY C 113 35.24 -1.99 -14.33
N THR C 114 35.77 -0.79 -14.57
CA THR C 114 35.54 0.30 -13.62
C THR C 114 34.15 0.84 -13.79
N THR C 115 33.63 1.49 -12.74
CA THR C 115 32.32 2.11 -12.80
C THR C 115 32.48 3.61 -12.56
N GLY C 116 31.84 4.41 -13.40
CA GLY C 116 31.77 5.85 -13.20
C GLY C 116 30.34 6.32 -13.04
N GLY C 117 30.14 7.25 -12.13
CA GLY C 117 28.84 7.85 -11.92
C GLY C 117 28.95 9.35 -11.94
N LYS C 118 27.89 9.98 -12.41
CA LYS C 118 27.84 11.44 -12.46
C LYS C 118 26.44 11.96 -12.22
N TRP C 119 26.26 12.76 -11.16
CA TRP C 119 25.02 13.47 -10.90
C TRP C 119 25.28 14.90 -11.31
N LEU C 120 24.51 15.37 -12.27
CA LEU C 120 24.88 16.56 -13.04
C LEU C 120 23.71 17.52 -13.08
N SER C 121 23.95 18.78 -12.72
CA SER C 121 22.93 19.79 -12.68
C SER C 121 22.96 20.64 -13.94
N LYS C 122 21.86 21.32 -14.19
CA LYS C 122 21.75 22.15 -15.38
C LYS C 122 22.76 23.29 -15.38
N ASP C 123 23.16 23.74 -14.19
CA ASP C 123 24.13 24.84 -14.05
C ASP C 123 25.57 24.36 -14.10
N GLY C 124 25.82 23.07 -14.35
CA GLY C 124 27.15 22.54 -14.46
C GLY C 124 27.66 21.83 -13.22
N GLY C 125 27.06 22.07 -12.03
CA GLY C 125 27.52 21.40 -10.84
C GLY C 125 27.45 19.90 -10.96
N SER C 126 28.21 19.20 -10.13
CA SER C 126 28.19 17.76 -10.26
C SER C 126 28.77 17.11 -9.03
N ILE C 127 28.41 15.85 -8.83
CA ILE C 127 29.09 14.92 -7.95
C ILE C 127 29.37 13.69 -8.78
N THR C 128 30.62 13.25 -8.81
CA THR C 128 31.00 12.09 -9.59
C THR C 128 31.67 11.06 -8.71
N PHE C 129 31.50 9.79 -9.07
CA PHE C 129 32.30 8.76 -8.43
C PHE C 129 32.99 7.90 -9.48
N HIS C 130 34.06 7.26 -9.05
N HIS C 130 34.08 7.29 -9.06
CA HIS C 130 34.85 6.32 -9.86
CA HIS C 130 34.78 6.30 -9.87
C HIS C 130 35.21 5.17 -8.95
C HIS C 130 35.20 5.17 -8.96
N ILE C 131 34.88 3.94 -9.32
CA ILE C 131 35.16 2.78 -8.50
C ILE C 131 36.03 1.78 -9.27
N ALA C 132 37.04 1.24 -8.60
CA ALA C 132 37.95 0.30 -9.25
C ALA C 132 37.23 -0.98 -9.72
N SER C 133 37.82 -1.65 -10.73
CA SER C 133 37.18 -2.87 -11.23
C SER C 133 37.15 -4.01 -10.20
N ASP C 134 38.08 -4.04 -9.22
CA ASP C 134 38.10 -5.04 -8.16
C ASP C 134 37.54 -4.45 -6.86
N TYR C 135 36.93 -3.27 -6.95
CA TYR C 135 36.13 -2.69 -5.86
C TYR C 135 37.00 -2.33 -4.67
N THR C 136 38.31 -2.21 -4.85
CA THR C 136 39.17 -1.92 -3.71
C THR C 136 39.40 -0.44 -3.52
N ALA C 137 38.93 0.42 -4.43
CA ALA C 137 39.09 1.86 -4.27
C ALA C 137 37.90 2.60 -4.88
N ALA C 138 37.48 3.68 -4.21
CA ALA C 138 36.43 4.55 -4.72
C ALA C 138 36.84 5.99 -4.51
N ALA C 139 36.57 6.84 -5.48
CA ALA C 139 36.88 8.25 -5.33
C ALA C 139 35.67 9.08 -5.76
N LEU C 140 35.34 10.11 -4.99
CA LEU C 140 34.24 11.01 -5.29
C LEU C 140 34.80 12.42 -5.42
N ASP C 141 34.30 13.14 -6.41
CA ASP C 141 34.62 14.53 -6.65
C ASP C 141 33.35 15.34 -6.50
N PHE C 142 33.39 16.38 -5.66
CA PHE C 142 32.28 17.28 -5.45
C PHE C 142 32.61 18.60 -6.11
N ASN C 143 31.69 19.07 -6.95
CA ASN C 143 31.85 20.35 -7.63
C ASN C 143 30.48 21.01 -7.70
N VAL C 144 30.01 21.52 -6.57
CA VAL C 144 28.66 22.07 -6.48
C VAL C 144 28.75 23.55 -6.10
N PRO C 145 28.60 24.45 -7.06
CA PRO C 145 28.78 25.89 -6.80
C PRO C 145 27.93 26.38 -5.63
N GLY C 146 28.57 27.15 -4.75
CA GLY C 146 27.87 27.69 -3.59
C GLY C 146 27.56 26.68 -2.50
N LYS C 147 27.95 25.42 -2.66
CA LYS C 147 27.56 24.38 -1.71
C LYS C 147 28.78 23.65 -1.14
N VAL C 148 29.42 22.82 -1.94
CA VAL C 148 30.54 22.01 -1.48
C VAL C 148 31.39 21.66 -2.69
N SER C 149 32.71 21.61 -2.47
CA SER C 149 33.70 21.19 -3.45
C SER C 149 34.74 20.36 -2.71
N GLY C 150 35.24 19.33 -3.36
CA GLY C 150 36.33 18.59 -2.75
C GLY C 150 36.31 17.15 -3.20
N THR C 151 37.02 16.33 -2.43
CA THR C 151 37.24 14.96 -2.82
C THR C 151 37.07 14.08 -1.59
N MET C 152 36.69 12.83 -1.85
CA MET C 152 36.57 11.79 -0.85
C MET C 152 37.19 10.53 -1.46
N GLU C 153 37.86 9.73 -0.65
CA GLU C 153 38.36 8.46 -1.14
C GLU C 153 38.13 7.39 -0.10
N LEU C 154 37.82 6.20 -0.57
CA LEU C 154 37.71 5.02 0.25
C LEU C 154 38.66 3.96 -0.32
N ARG C 155 39.45 3.32 0.53
CA ARG C 155 40.38 2.27 0.09
C ARG C 155 40.26 1.02 0.96
N ASN C 156 40.04 -0.12 0.31
CA ASN C 156 39.90 -1.38 0.99
C ASN C 156 41.25 -1.90 1.44
N HIS C 157 41.29 -2.39 2.67
CA HIS C 157 42.42 -3.13 3.20
C HIS C 157 41.83 -4.32 3.97
N ALA C 158 41.96 -5.52 3.42
CA ALA C 158 41.47 -6.70 4.12
C ALA C 158 42.33 -7.91 3.74
N ASN C 159 42.16 -8.97 4.53
CA ASN C 159 42.83 -10.23 4.23
C ASN C 159 42.56 -10.66 2.79
N VAL C 160 41.29 -10.92 2.49
CA VAL C 160 40.86 -11.41 1.21
C VAL C 160 40.30 -10.26 0.38
N SER C 161 40.22 -10.47 -0.92
CA SER C 161 39.76 -9.41 -1.80
C SER C 161 38.26 -9.15 -1.60
N PRO C 162 37.79 -7.96 -1.95
CA PRO C 162 36.33 -7.71 -1.91
C PRO C 162 35.49 -8.78 -2.60
N THR C 163 35.91 -9.21 -3.80
CA THR C 163 35.11 -10.21 -4.52
C THR C 163 34.93 -11.49 -3.73
N SER C 164 35.97 -11.92 -2.98
CA SER C 164 35.87 -13.14 -2.22
C SER C 164 34.73 -13.10 -1.19
N ASN C 165 34.42 -11.93 -0.65
CA ASN C 165 33.34 -11.77 0.30
C ASN C 165 32.01 -11.38 -0.31
N LEU C 166 31.92 -11.10 -1.63
CA LEU C 166 30.64 -10.65 -2.21
C LEU C 166 29.57 -11.73 -2.10
N PRO C 167 28.30 -11.33 -1.94
CA PRO C 167 27.20 -12.29 -1.91
C PRO C 167 27.22 -13.16 -3.15
N ALA C 168 27.04 -14.44 -2.95
CA ALA C 168 26.99 -15.39 -4.04
C ALA C 168 25.56 -15.78 -4.41
N SER C 169 24.56 -15.24 -3.72
CA SER C 169 23.18 -15.56 -4.02
C SER C 169 22.34 -14.35 -3.67
N ASP C 170 21.16 -14.27 -4.29
CA ASP C 170 20.25 -13.19 -3.96
C ASP C 170 20.07 -13.14 -2.45
N ALA C 171 20.00 -14.30 -1.80
CA ALA C 171 19.70 -14.33 -0.37
C ALA C 171 20.73 -13.56 0.44
N GLU C 172 22.02 -13.75 0.12
CA GLU C 172 23.09 -13.05 0.82
C GLU C 172 23.13 -11.56 0.47
N ALA C 173 22.47 -11.16 -0.62
CA ALA C 173 22.46 -9.76 -1.02
C ALA C 173 21.20 -9.02 -0.58
N GLN C 174 20.20 -9.71 -0.05
CA GLN C 174 18.87 -9.14 0.22
C GLN C 174 18.67 -8.82 1.69
N LEU C 175 18.01 -7.70 1.94
CA LEU C 175 17.35 -7.44 3.21
C LEU C 175 16.09 -8.30 3.36
N CYS C 176 15.31 -8.37 2.28
CA CYS C 176 14.07 -9.14 2.23
C CYS C 176 13.78 -9.35 0.75
N PRO C 177 12.78 -10.13 0.42
CA PRO C 177 12.59 -10.40 -1.01
C PRO C 177 12.49 -9.13 -1.83
N GLY C 178 13.32 -9.02 -2.85
CA GLY C 178 13.30 -7.86 -3.73
C GLY C 178 13.95 -6.58 -3.22
N VAL C 179 14.50 -6.58 -2.02
CA VAL C 179 15.19 -5.38 -1.48
C VAL C 179 16.66 -5.75 -1.29
N TYR C 180 17.52 -5.18 -2.12
CA TYR C 180 18.94 -5.52 -2.12
C TYR C 180 19.73 -4.45 -1.39
N TYR C 181 20.63 -4.88 -0.50
CA TYR C 181 21.41 -3.93 0.30
C TYR C 181 22.74 -4.60 0.58
N THR C 182 23.80 -3.98 0.12
CA THR C 182 25.08 -4.65 0.04
C THR C 182 26.19 -3.68 0.45
N PHE C 183 27.30 -4.29 0.89
CA PHE C 183 28.47 -3.55 1.39
C PHE C 183 29.70 -4.06 0.63
N PRO C 184 29.81 -3.75 -0.66
CA PRO C 184 30.77 -4.51 -1.51
C PRO C 184 32.21 -4.18 -1.23
N MET C 185 32.52 -3.03 -0.63
CA MET C 185 33.92 -2.67 -0.39
C MET C 185 34.50 -3.18 0.94
N GLY C 186 33.67 -3.64 1.87
CA GLY C 186 34.15 -4.13 3.13
C GLY C 186 34.87 -3.06 3.92
N PRO C 187 35.88 -3.48 4.70
CA PRO C 187 36.60 -2.52 5.55
C PRO C 187 37.36 -1.50 4.69
N VAL C 188 37.23 -0.23 4.99
CA VAL C 188 37.88 0.80 4.18
C VAL C 188 38.55 1.84 5.06
N ALA C 189 39.69 2.33 4.61
CA ALA C 189 40.30 3.52 5.15
C ALA C 189 39.94 4.69 4.26
N THR C 190 39.67 5.86 4.88
CA THR C 190 39.11 6.99 4.14
C THR C 190 39.93 8.25 4.27
N SER C 191 39.70 9.15 3.31
CA SER C 191 40.23 10.49 3.38
C SER C 191 39.23 11.42 2.72
N VAL C 192 39.19 12.65 3.21
CA VAL C 192 38.36 13.74 2.72
C VAL C 192 39.13 15.04 2.71
N THR C 193 38.95 15.82 1.64
CA THR C 193 39.40 17.20 1.63
C THR C 193 38.31 18.02 0.97
N ALA C 194 37.66 18.89 1.74
CA ALA C 194 36.50 19.56 1.16
C ALA C 194 36.35 20.96 1.68
N THR C 195 35.60 21.75 0.91
CA THR C 195 35.25 23.10 1.29
C THR C 195 33.75 23.28 1.15
N PHE C 196 33.15 23.86 2.18
CA PHE C 196 31.73 24.18 2.23
C PHE C 196 31.56 25.70 2.27
N SER C 197 30.60 26.21 1.51
CA SER C 197 30.47 27.66 1.31
C SER C 197 29.82 28.36 2.49
N SER C 198 28.68 27.85 2.98
CA SER C 198 27.89 28.49 4.03
C SER C 198 27.67 27.49 5.15
N VAL C 199 28.35 27.70 6.28
CA VAL C 199 28.34 26.78 7.41
C VAL C 199 28.04 27.58 8.66
N GLY C 200 27.06 27.12 9.44
CA GLY C 200 26.73 27.77 10.68
C GLY C 200 25.71 28.89 10.50
N ALA C 201 25.37 29.51 11.63
CA ALA C 201 24.38 30.58 11.64
C ALA C 201 24.89 31.86 10.97
N ASN C 202 26.21 32.02 10.86
CA ASN C 202 26.79 33.18 10.19
C ASN C 202 26.92 33.00 8.68
N GLY C 203 26.91 31.76 8.19
CA GLY C 203 27.10 31.54 6.77
C GLY C 203 28.55 31.60 6.31
N GLU C 204 29.50 31.34 7.20
CA GLU C 204 30.91 31.39 6.86
C GLU C 204 31.37 30.08 6.23
N SER C 205 32.44 30.15 5.45
CA SER C 205 32.98 28.98 4.79
C SER C 205 33.86 28.20 5.76
N ARG C 206 33.87 26.89 5.59
CA ARG C 206 34.77 26.05 6.35
C ARG C 206 35.33 24.97 5.45
N GLU C 207 36.50 24.48 5.82
CA GLU C 207 37.07 23.30 5.21
C GLU C 207 36.93 22.13 6.18
N LEU C 208 37.03 20.93 5.62
CA LEU C 208 36.90 19.73 6.39
C LEU C 208 37.94 18.73 5.90
N PHE C 209 38.65 18.09 6.83
CA PHE C 209 39.68 17.14 6.46
C PHE C 209 39.56 15.87 7.25
N ILE C 210 39.70 14.73 6.58
CA ILE C 210 39.89 13.44 7.22
C ILE C 210 41.09 12.80 6.57
N SER C 211 41.97 12.24 7.37
CA SER C 211 43.10 11.51 6.86
C SER C 211 43.17 10.19 7.60
N SER C 212 43.23 9.12 6.82
CA SER C 212 43.26 7.76 7.31
C SER C 212 42.15 7.57 8.35
N GLY C 213 40.93 7.82 7.91
CA GLY C 213 39.75 7.63 8.74
C GLY C 213 39.04 6.31 8.47
N TYR C 214 37.79 6.25 8.92
CA TYR C 214 36.94 5.06 8.83
C TYR C 214 35.71 5.42 7.98
N GLY C 215 34.87 4.44 7.74
CA GLY C 215 33.67 4.70 6.98
C GLY C 215 33.24 3.45 6.25
N GLY C 216 32.41 3.67 5.24
CA GLY C 216 31.90 2.53 4.49
C GLY C 216 31.12 2.96 3.26
N MET C 217 30.86 1.95 2.42
CA MET C 217 30.12 2.12 1.17
C MET C 217 28.90 1.21 1.18
N VAL C 218 27.78 1.74 0.69
CA VAL C 218 26.54 0.97 0.47
C VAL C 218 26.08 1.03 -0.99
N ARG C 219 25.65 -0.12 -1.51
CA ARG C 219 24.97 -0.19 -2.81
C ARG C 219 23.63 -0.90 -2.54
N GLY C 220 22.52 -0.23 -2.87
CA GLY C 220 21.20 -0.84 -2.65
C GLY C 220 20.25 -0.48 -3.77
N TRP C 221 19.21 -1.31 -3.89
CA TRP C 221 18.18 -1.04 -4.90
C TRP C 221 16.94 -1.85 -4.58
N SER C 222 15.79 -1.33 -5.03
CA SER C 222 14.56 -2.14 -4.98
C SER C 222 13.48 -1.56 -5.90
N ALA C 223 12.60 -2.46 -6.36
CA ALA C 223 11.34 -2.04 -6.94
C ALA C 223 10.31 -1.71 -5.88
N ARG C 224 10.54 -2.10 -4.61
CA ARG C 224 9.56 -1.93 -3.54
C ARG C 224 9.78 -0.60 -2.82
N PRO C 225 8.76 0.24 -2.69
CA PRO C 225 8.92 1.47 -1.90
C PRO C 225 9.09 1.17 -0.43
N TRP C 226 9.85 2.06 0.25
CA TRP C 226 10.19 1.85 1.65
C TRP C 226 8.99 1.61 2.57
N PRO C 227 7.87 2.35 2.50
CA PRO C 227 6.76 2.03 3.40
C PRO C 227 6.23 0.64 3.27
N THR C 228 6.38 -0.02 2.13
CA THR C 228 5.82 -1.36 2.03
C THR C 228 6.60 -2.40 2.80
N PHE C 229 7.88 -2.15 3.22
CA PHE C 229 8.57 -3.15 4.00
C PHE C 229 9.18 -2.63 5.30
N MET C 230 8.98 -1.37 5.67
CA MET C 230 9.56 -0.88 6.91
C MET C 230 8.78 0.34 7.39
N ASN C 231 8.86 0.58 8.72
CA ASN C 231 8.52 1.88 9.25
C ASN C 231 9.58 2.40 10.24
N ASP C 232 10.71 1.73 10.36
CA ASP C 232 11.77 2.19 11.27
C ASP C 232 13.05 1.54 10.74
N ALA C 233 14.17 2.28 10.74
CA ALA C 233 15.39 1.64 10.27
C ALA C 233 16.55 2.21 11.07
N TYR C 234 17.61 1.38 11.24
CA TYR C 234 18.88 1.85 11.78
C TYR C 234 20.01 1.37 10.87
N TYR C 235 20.94 2.25 10.56
CA TYR C 235 22.14 1.89 9.78
C TYR C 235 23.38 2.39 10.52
N VAL C 236 24.47 1.61 10.56
CA VAL C 236 25.71 2.17 11.12
C VAL C 236 26.87 1.48 10.44
N VAL C 237 27.97 2.21 10.30
CA VAL C 237 29.24 1.54 9.96
C VAL C 237 30.26 1.99 10.98
N ALA C 238 31.12 1.05 11.42
CA ALA C 238 31.86 1.35 12.65
C ALA C 238 33.15 0.55 12.70
N GLN C 239 34.08 1.05 13.52
CA GLN C 239 35.33 0.36 13.86
C GLN C 239 35.43 0.30 15.38
N VAL C 240 35.57 -0.89 15.94
CA VAL C 240 35.55 -1.12 17.38
C VAL C 240 36.78 -2.00 17.65
N GLY C 241 37.88 -1.37 18.07
CA GLY C 241 39.15 -2.10 18.15
C GLY C 241 39.49 -2.80 16.84
N PRO C 242 39.66 -4.13 16.88
CA PRO C 242 39.98 -4.88 15.66
C PRO C 242 38.76 -5.24 14.82
N TYR C 243 37.56 -4.85 15.26
CA TYR C 243 36.33 -5.20 14.57
C TYR C 243 35.90 -4.07 13.64
N MET C 244 35.40 -4.44 12.46
CA MET C 244 34.77 -3.49 11.55
C MET C 244 33.38 -4.03 11.25
N LEU C 245 32.34 -3.23 11.54
CA LEU C 245 30.98 -3.74 11.45
C LEU C 245 30.15 -2.82 10.59
N GLN C 246 29.13 -3.39 9.94
CA GLN C 246 28.27 -2.58 9.08
C GLN C 246 26.90 -3.25 9.05
N ILE C 247 25.82 -2.50 9.30
CA ILE C 247 24.54 -3.16 9.44
C ILE C 247 23.43 -2.20 9.02
N LEU C 248 22.42 -2.73 8.32
CA LEU C 248 21.09 -2.08 8.20
C LEU C 248 20.10 -3.02 8.87
N ARG C 249 19.26 -2.47 9.74
CA ARG C 249 18.21 -3.28 10.34
C ARG C 249 16.91 -2.51 10.12
N THR C 250 15.89 -3.16 9.59
CA THR C 250 14.58 -2.51 9.45
C THR C 250 13.56 -3.21 10.32
N LEU C 251 12.59 -2.43 10.85
CA LEU C 251 11.44 -2.98 11.54
C LEU C 251 10.25 -2.82 10.59
N GLY C 252 9.49 -3.91 10.40
CA GLY C 252 8.53 -3.96 9.33
C GLY C 252 7.27 -3.15 9.59
N SER C 253 6.73 -2.59 8.51
CA SER C 253 5.40 -2.00 8.56
C SER C 253 4.37 -3.13 8.54
N VAL C 254 3.10 -2.75 8.66
CA VAL C 254 2.03 -3.73 8.59
C VAL C 254 2.04 -4.48 7.26
N PHE C 255 2.61 -3.89 6.20
CA PHE C 255 2.58 -4.51 4.88
C PHE C 255 3.54 -5.70 4.77
N VAL C 256 4.42 -5.89 5.75
CA VAL C 256 5.23 -7.10 5.84
C VAL C 256 5.00 -7.72 7.21
N GLN C 257 3.80 -7.58 7.74
CA GLN C 257 3.44 -8.24 9.00
C GLN C 257 4.44 -7.89 10.12
N HIS C 258 4.97 -6.67 10.09
CA HIS C 258 5.93 -6.15 11.10
C HIS C 258 7.15 -7.04 11.26
N LYS C 259 7.53 -7.74 10.21
CA LYS C 259 8.75 -8.54 10.31
C LYS C 259 9.99 -7.66 10.30
N PRO C 260 10.98 -7.97 11.14
CA PRO C 260 12.29 -7.28 11.09
C PRO C 260 13.23 -7.96 10.11
N PHE C 261 14.04 -7.14 9.46
CA PHE C 261 15.00 -7.60 8.47
C PHE C 261 16.36 -6.97 8.76
N ALA C 262 17.43 -7.63 8.32
CA ALA C 262 18.74 -7.00 8.49
C ALA C 262 19.72 -7.54 7.48
N VAL C 263 20.69 -6.70 7.15
CA VAL C 263 21.91 -7.11 6.44
C VAL C 263 23.07 -6.63 7.31
N ALA C 264 23.95 -7.56 7.73
CA ALA C 264 25.00 -7.17 8.66
C ALA C 264 26.26 -7.95 8.31
N ARG C 265 27.41 -7.28 8.48
CA ARG C 265 28.70 -7.92 8.27
C ARG C 265 29.63 -7.56 9.43
N LEU C 266 30.42 -8.52 9.91
CA LEU C 266 31.39 -8.25 11.00
C LEU C 266 32.73 -8.82 10.54
N TYR C 267 33.75 -7.97 10.51
CA TYR C 267 35.13 -8.37 10.22
C TYR C 267 35.95 -8.29 11.50
N LEU C 268 36.95 -9.18 11.61
CA LEU C 268 37.90 -9.15 12.73
C LEU C 268 39.29 -9.24 12.14
N ASP C 269 40.11 -8.25 12.43
CA ASP C 269 41.35 -7.92 11.72
C ASP C 269 41.31 -8.27 10.25
N GLY C 270 40.31 -7.76 9.54
CA GLY C 270 40.27 -7.85 8.09
C GLY C 270 39.64 -9.11 7.55
N SER C 271 39.25 -10.04 8.40
CA SER C 271 38.68 -11.31 7.96
C SER C 271 37.20 -11.33 8.34
N LEU C 272 36.35 -11.67 7.38
CA LEU C 272 34.92 -11.72 7.67
C LEU C 272 34.65 -12.84 8.65
N VAL C 273 34.10 -12.54 9.83
CA VAL C 273 33.77 -13.58 10.78
C VAL C 273 32.29 -13.79 10.96
N SER C 274 31.43 -12.83 10.54
CA SER C 274 29.99 -13.05 10.63
C SER C 274 29.33 -12.32 9.47
N ALA C 275 28.46 -13.05 8.77
CA ALA C 275 27.62 -12.48 7.72
C ALA C 275 26.20 -12.89 8.02
N ALA C 276 25.31 -11.90 8.25
CA ALA C 276 23.95 -12.18 8.67
C ALA C 276 22.99 -11.48 7.71
N ASN C 277 22.00 -12.22 7.24
CA ASN C 277 20.85 -11.64 6.54
C ASN C 277 19.54 -12.03 7.20
N THR C 278 19.57 -12.32 8.50
CA THR C 278 18.43 -12.81 9.27
C THR C 278 18.42 -12.12 10.62
N VAL C 279 17.25 -11.78 11.16
CA VAL C 279 17.24 -11.30 12.55
C VAL C 279 16.62 -12.38 13.42
N VAL C 280 17.07 -12.45 14.67
CA VAL C 280 16.49 -13.40 15.61
C VAL C 280 15.69 -12.73 16.72
N GLY C 281 15.87 -11.43 16.97
CA GLY C 281 15.09 -10.70 17.95
C GLY C 281 13.80 -10.10 17.39
N VAL C 291 18.49 -21.35 7.76
CA VAL C 291 18.96 -20.29 6.86
C VAL C 291 20.45 -20.35 6.73
N LYS C 292 20.97 -19.65 5.72
CA LYS C 292 22.41 -19.51 5.54
C LYS C 292 22.92 -18.25 6.25
N GLY C 293 24.10 -18.37 6.84
CA GLY C 293 24.68 -17.26 7.58
C GLY C 293 24.17 -17.20 9.02
N ASP C 294 24.65 -16.17 9.68
CA ASP C 294 24.43 -15.94 11.09
C ASP C 294 23.16 -15.10 11.26
N ALA C 295 22.85 -14.70 12.48
CA ALA C 295 21.66 -13.85 12.67
C ALA C 295 22.02 -12.71 13.59
N VAL C 296 21.20 -11.65 13.58
CA VAL C 296 21.54 -10.52 14.45
C VAL C 296 20.33 -10.20 15.29
N ARG C 297 20.58 -9.67 16.48
CA ARG C 297 19.55 -9.09 17.33
C ARG C 297 19.93 -7.63 17.55
N LEU C 298 18.97 -6.70 17.49
CA LEU C 298 19.27 -5.29 17.68
C LEU C 298 18.19 -4.74 18.59
N THR C 299 18.57 -4.30 19.80
CA THR C 299 17.60 -3.92 20.82
C THR C 299 17.84 -2.46 21.16
N LYS C 300 16.75 -1.66 21.26
CA LYS C 300 16.95 -0.26 21.60
C LYS C 300 17.25 -0.13 23.09
N VAL C 301 18.09 0.86 23.43
CA VAL C 301 18.43 1.19 24.81
C VAL C 301 17.68 2.48 25.17
N GLN C 302 16.99 2.46 26.32
CA GLN C 302 16.22 3.65 26.69
C GLN C 302 16.98 4.46 27.73
N PRO C 303 16.68 5.76 27.90
CA PRO C 303 17.50 6.57 28.81
C PRO C 303 17.31 6.24 30.26
N ASP C 304 16.35 5.40 30.63
CA ASP C 304 16.30 4.96 32.03
C ASP C 304 17.25 3.80 32.29
N GLU C 305 17.90 3.29 31.23
CA GLU C 305 18.72 2.09 31.35
C GLU C 305 20.21 2.38 31.30
N LYS C 306 20.61 3.50 30.72
CA LYS C 306 22.02 3.77 30.52
C LYS C 306 22.19 5.27 30.60
N SER C 307 23.23 5.71 31.31
CA SER C 307 23.36 7.15 31.54
C SER C 307 23.99 7.89 30.37
N GLN C 308 24.71 7.20 29.49
CA GLN C 308 25.35 7.88 28.38
C GLN C 308 24.52 7.73 27.12
N GLY C 309 24.44 8.80 26.32
CA GLY C 309 23.84 8.73 25.00
C GLY C 309 22.75 9.77 24.80
N LEU C 310 22.75 10.44 23.66
CA LEU C 310 21.68 11.36 23.27
C LEU C 310 20.47 10.58 22.73
N SER C 311 19.28 11.19 22.84
CA SER C 311 18.16 10.73 22.03
C SER C 311 17.91 11.71 20.88
N GLY C 312 17.19 11.25 19.86
CA GLY C 312 16.75 12.14 18.79
C GLY C 312 15.61 13.06 19.25
N LYS C 313 15.20 13.88 18.33
CA LYS C 313 14.24 14.96 18.60
C LYS C 313 12.78 14.55 18.31
N PHE C 314 12.54 13.28 18.02
CA PHE C 314 11.22 12.87 17.59
C PHE C 314 10.65 11.85 18.54
N ARG C 315 9.68 11.04 18.10
CA ARG C 315 9.03 10.17 19.07
C ARG C 315 9.90 9.01 19.54
N ASP C 316 10.97 8.64 18.81
CA ASP C 316 11.81 7.52 19.22
C ASP C 316 12.82 8.03 20.25
N GLY C 317 12.66 7.64 21.50
CA GLY C 317 13.52 8.29 22.49
C GLY C 317 14.72 7.45 22.87
N ASN C 318 15.10 6.51 22.01
CA ASN C 318 16.23 5.65 22.40
C ASN C 318 17.53 6.46 22.45
N VAL C 319 18.45 5.96 23.31
CA VAL C 319 19.77 6.60 23.44
C VAL C 319 20.85 5.70 22.89
N GLY C 320 20.48 4.65 22.17
CA GLY C 320 21.45 3.75 21.59
C GLY C 320 20.83 2.38 21.38
N TYR C 321 21.69 1.39 21.10
CA TYR C 321 21.26 0.03 20.75
C TYR C 321 22.23 -1.00 21.35
N VAL C 322 21.75 -2.22 21.57
CA VAL C 322 22.61 -3.38 21.79
C VAL C 322 22.52 -4.25 20.53
N LEU C 323 23.67 -4.50 19.89
CA LEU C 323 23.75 -5.29 18.65
C LEU C 323 24.44 -6.62 18.94
N GLU C 324 23.76 -7.73 18.64
CA GLU C 324 24.32 -9.06 18.90
C GLU C 324 24.42 -9.79 17.56
N PHE C 325 25.61 -10.35 17.27
CA PHE C 325 25.77 -11.27 16.14
C PHE C 325 25.78 -12.67 16.70
N ALA C 326 24.80 -13.50 16.33
CA ALA C 326 24.68 -14.84 16.87
C ALA C 326 25.20 -15.84 15.85
N LYS C 327 26.25 -16.56 16.19
CA LYS C 327 26.92 -17.44 15.24
C LYS C 327 26.11 -18.71 15.04
N LYS C 328 25.90 -19.07 13.77
CA LYS C 328 25.12 -20.25 13.41
C LYS C 328 25.77 -21.52 13.95
N ASP C 329 25.04 -22.25 14.79
CA ASP C 329 25.47 -23.52 15.37
C ASP C 329 26.53 -23.35 16.46
N SER C 330 26.67 -22.17 17.05
CA SER C 330 27.75 -21.91 17.98
C SER C 330 27.23 -21.17 19.20
N GLU C 331 28.02 -21.20 20.27
CA GLU C 331 27.76 -20.39 21.45
C GLU C 331 28.61 -19.13 21.49
N HIS C 332 29.55 -18.98 20.56
CA HIS C 332 30.48 -17.86 20.53
C HIS C 332 29.99 -16.82 19.51
N GLY C 333 29.27 -15.82 20.00
CA GLY C 333 28.88 -14.69 19.19
C GLY C 333 29.62 -13.44 19.58
N TRP C 334 29.06 -12.30 19.17
CA TRP C 334 29.68 -11.00 19.42
C TRP C 334 28.59 -10.01 19.79
N THR C 335 28.84 -9.14 20.77
CA THR C 335 27.83 -8.20 21.22
C THR C 335 28.46 -6.81 21.32
N PHE C 336 27.75 -5.79 20.84
CA PHE C 336 28.27 -4.42 20.91
C PHE C 336 27.24 -3.48 21.53
N GLN C 337 27.70 -2.60 22.41
CA GLN C 337 26.86 -1.57 23.02
C GLN C 337 27.06 -0.28 22.24
N ILE C 338 25.97 0.30 21.71
CA ILE C 338 26.06 1.49 20.86
C ILE C 338 25.37 2.65 21.56
N SER C 339 26.07 3.78 21.71
CA SER C 339 25.53 4.97 22.38
C SER C 339 25.60 6.18 21.45
N HIS C 340 24.53 6.96 21.36
CA HIS C 340 24.52 8.12 20.47
C HIS C 340 25.33 9.26 21.07
N LYS C 341 26.45 9.63 20.45
CA LYS C 341 27.40 10.56 21.07
C LYS C 341 27.26 11.97 20.54
N ARG C 342 27.10 12.14 19.23
CA ARG C 342 27.01 13.45 18.61
C ARG C 342 25.94 13.45 17.53
N ALA C 343 25.12 14.52 17.50
CA ALA C 343 24.08 14.66 16.48
C ALA C 343 24.69 15.17 15.18
N VAL C 344 24.26 14.57 14.06
CA VAL C 344 24.66 15.06 12.74
C VAL C 344 23.44 15.75 12.13
N TRP C 345 22.48 15.00 11.57
CA TRP C 345 21.31 15.64 10.98
C TRP C 345 20.07 15.29 11.81
N SER C 346 19.02 16.08 11.58
CA SER C 346 17.72 15.89 12.24
C SER C 346 16.64 16.48 11.35
N GLU C 347 15.69 15.65 10.87
CA GLU C 347 14.71 16.16 9.94
C GLU C 347 13.38 15.44 10.18
N PRO C 348 12.25 16.13 10.25
CA PRO C 348 10.98 15.42 10.44
C PRO C 348 10.54 14.63 9.20
N THR C 349 9.70 13.62 9.47
CA THR C 349 9.08 12.81 8.41
C THR C 349 7.59 12.73 8.60
N SER C 350 7.04 13.62 9.42
CA SER C 350 5.59 13.77 9.59
C SER C 350 5.34 15.16 10.15
N ALA C 351 4.08 15.53 10.16
CA ALA C 351 3.74 16.76 10.87
C ALA C 351 4.09 16.60 12.35
N PRO C 352 4.41 17.71 13.03
CA PRO C 352 4.84 17.63 14.43
C PRO C 352 3.71 17.26 15.36
N GLY C 353 4.08 16.66 16.49
CA GLY C 353 3.12 16.19 17.44
C GLY C 353 3.74 15.22 18.43
N PRO C 354 2.97 14.82 19.43
CA PRO C 354 3.49 13.82 20.38
C PRO C 354 3.94 12.53 19.71
N ASP C 355 3.37 12.20 18.55
CA ASP C 355 3.77 11.02 17.81
C ASP C 355 4.53 11.37 16.53
N GLY C 356 5.09 12.56 16.45
CA GLY C 356 5.80 12.95 15.23
C GLY C 356 7.07 12.13 15.06
N THR C 357 7.31 11.70 13.81
CA THR C 357 8.46 10.89 13.45
C THR C 357 9.53 11.73 12.77
N GLY C 358 10.74 11.15 12.68
CA GLY C 358 11.76 11.86 11.95
C GLY C 358 12.99 10.99 11.73
N LYS C 359 14.07 11.62 11.25
CA LYS C 359 15.31 10.92 10.94
C LYS C 359 16.43 11.66 11.64
N SER C 360 17.39 10.90 12.14
CA SER C 360 18.45 11.47 12.98
C SER C 360 19.76 10.78 12.61
N GLY C 361 20.79 11.57 12.37
CA GLY C 361 22.13 11.03 12.08
C GLY C 361 23.04 11.21 13.28
N TRP C 362 23.98 10.27 13.46
CA TRP C 362 24.76 10.12 14.69
C TRP C 362 26.23 9.81 14.42
N ILE C 363 27.13 10.43 15.18
CA ILE C 363 28.38 9.74 15.55
C ILE C 363 28.10 8.88 16.78
N GLU C 364 28.41 7.59 16.70
CA GLU C 364 28.11 6.65 17.76
C GLU C 364 29.40 6.33 18.52
N ALA C 365 29.28 6.09 19.82
CA ALA C 365 30.32 5.48 20.63
C ALA C 365 29.95 4.01 20.84
N ILE C 366 30.85 3.08 20.51
CA ILE C 366 30.48 1.68 20.50
C ILE C 366 31.52 0.87 21.29
N SER C 367 31.06 -0.09 22.09
CA SER C 367 32.03 -0.98 22.73
C SER C 367 31.56 -2.42 22.68
N GLY C 368 32.55 -3.34 22.76
CA GLY C 368 32.23 -4.72 22.94
C GLY C 368 33.13 -5.66 22.14
N GLY C 369 32.52 -6.68 21.55
CA GLY C 369 33.21 -7.71 20.80
C GLY C 369 32.73 -9.08 21.24
N ALA C 370 33.63 -10.07 21.31
CA ALA C 370 33.21 -11.40 21.75
C ALA C 370 32.89 -11.39 23.24
N LYS C 371 32.39 -12.53 23.76
CA LYS C 371 31.99 -12.54 25.17
C LYS C 371 33.18 -12.18 26.04
N GLY C 372 32.98 -11.23 26.95
CA GLY C 372 34.04 -10.75 27.81
C GLY C 372 34.84 -9.60 27.25
N GLU C 373 34.73 -9.31 25.95
CA GLU C 373 35.52 -8.23 25.36
C GLU C 373 34.86 -6.87 25.46
N ASN C 374 35.69 -5.85 25.66
CA ASN C 374 35.25 -4.47 25.87
C ASN C 374 36.09 -3.49 25.06
N TYR C 375 36.34 -3.80 23.78
CA TYR C 375 36.99 -2.85 22.90
C TYR C 375 36.12 -1.61 22.73
N GLU C 376 36.75 -0.49 22.33
CA GLU C 376 36.05 0.77 22.27
C GLU C 376 36.33 1.44 20.95
N GLY C 377 35.29 1.90 20.26
CA GLY C 377 35.48 2.66 19.03
C GLY C 377 34.29 3.57 18.71
N HIS C 378 34.08 3.84 17.41
CA HIS C 378 33.08 4.82 16.98
C HIS C 378 32.41 4.33 15.73
N GLY C 379 31.21 4.87 15.45
CA GLY C 379 30.53 4.61 14.19
C GLY C 379 29.84 5.84 13.66
N PHE C 380 29.36 5.73 12.41
N PHE C 380 29.47 5.74 12.38
CA PHE C 380 28.67 6.85 11.76
CA PHE C 380 28.67 6.71 11.65
C PHE C 380 27.39 6.30 11.17
C PHE C 380 27.33 6.04 11.35
N GLY C 381 26.24 6.70 11.72
CA GLY C 381 25.00 6.02 11.43
C GLY C 381 23.79 6.93 11.47
N GLY C 382 22.64 6.31 11.28
CA GLY C 382 21.44 7.12 11.43
C GLY C 382 20.25 6.21 11.66
N GLN C 383 19.16 6.82 12.08
CA GLN C 383 17.91 6.08 12.25
C GLN C 383 16.79 6.91 11.65
N LEU C 384 15.70 6.21 11.29
CA LEU C 384 14.58 6.84 10.59
C LEU C 384 13.31 6.15 11.07
N GLN C 385 12.24 6.94 11.29
CA GLN C 385 10.92 6.33 11.31
C GLN C 385 10.04 7.05 10.31
N ILE C 386 9.04 6.33 9.79
CA ILE C 386 8.03 7.00 8.95
C ILE C 386 6.69 6.53 9.50
N PRO C 387 5.66 7.36 9.37
CA PRO C 387 4.41 7.08 10.08
C PRO C 387 3.54 6.15 9.26
N VAL C 388 3.94 4.89 9.23
CA VAL C 388 3.22 3.79 8.59
C VAL C 388 2.93 2.77 9.68
N PRO C 389 1.69 2.26 9.83
CA PRO C 389 1.46 1.41 10.98
C PRO C 389 2.00 0.00 10.73
C1 GOL D . -8.90 -37.83 22.42
O1 GOL D . -10.06 -38.38 23.01
C2 GOL D . -8.38 -36.66 23.27
O2 GOL D . -7.99 -37.06 24.58
C3 GOL D . -7.17 -36.04 22.62
O3 GOL D . -6.26 -37.00 22.11
H11 GOL D . -9.12 -37.49 21.41
H12 GOL D . -8.13 -38.60 22.35
HO1 GOL D . -10.43 -39.09 22.43
H2 GOL D . -9.17 -35.91 23.33
HO2 GOL D . -7.24 -37.70 24.52
H31 GOL D . -6.65 -35.42 23.35
H32 GOL D . -7.50 -35.39 21.80
HO3 GOL D . -5.35 -36.65 22.22
C1 GOL E . -4.42 -36.64 25.81
O1 GOL E . -5.63 -35.92 25.60
C2 GOL E . -4.37 -37.99 25.11
O2 GOL E . -4.34 -37.87 23.70
C3 GOL E . -3.10 -38.76 25.46
O3 GOL E . -1.98 -37.89 25.29
H11 GOL E . -4.28 -36.79 26.89
H12 GOL E . -3.58 -36.03 25.47
HO1 GOL E . -5.63 -35.10 26.12
H2 GOL E . -5.23 -38.59 25.41
HO2 GOL E . -3.53 -37.39 23.44
H31 GOL E . -3.00 -39.63 24.81
H32 GOL E . -3.15 -39.10 26.49
HO3 GOL E . -1.62 -37.66 26.16
C1 GOL F . -5.72 -21.41 10.81
O1 GOL F . -7.12 -21.33 10.65
C2 GOL F . -5.30 -22.86 11.11
O2 GOL F . -5.48 -23.79 10.03
C3 GOL F . -3.83 -22.84 11.48
O3 GOL F . -3.56 -24.04 12.12
H11 GOL F . -5.22 -21.06 9.92
H12 GOL F . -5.41 -20.76 11.65
HO1 GOL F . -7.39 -20.40 10.53
H2 GOL F . -5.87 -23.21 11.97
HO2 GOL F . -4.94 -23.53 9.28
H31 GOL F . -3.62 -22.01 12.14
H32 GOL F . -3.20 -22.75 10.59
HO3 GOL F . -2.89 -23.89 12.82
C1 GOL G . -17.49 -13.12 -13.72
O1 GOL G . -18.13 -14.11 -12.95
C2 GOL G . -16.61 -13.81 -14.76
O2 GOL G . -16.34 -12.95 -15.84
C3 GOL G . -17.29 -15.09 -15.28
O3 GOL G . -16.57 -16.23 -14.85
H11 GOL G . -16.88 -12.47 -13.09
H12 GOL G . -18.23 -12.50 -14.22
HO1 GOL G . -18.65 -13.67 -12.24
H2 GOL G . -15.68 -14.10 -14.27
HO2 GOL G . -15.74 -13.40 -16.48
H31 GOL G . -18.30 -15.14 -14.90
H32 GOL G . -17.32 -15.06 -16.36
HO3 GOL G . -17.20 -16.96 -14.67
C1 GOL H . -20.77 -6.12 8.54
O1 GOL H . -20.54 -5.09 7.62
C2 GOL H . -20.41 -7.45 7.89
O2 GOL H . -19.96 -8.34 8.84
C3 GOL H . -21.63 -8.07 7.17
O3 GOL H . -22.74 -8.09 8.07
H11 GOL H . -21.82 -6.12 8.84
H12 GOL H . -20.16 -5.96 9.43
HO1 GOL H . -20.82 -4.23 8.00
H2 GOL H . -19.63 -7.27 7.14
HO2 GOL H . -20.67 -8.51 9.49
H31 GOL H . -21.88 -7.49 6.29
H32 GOL H . -21.39 -9.08 6.86
HO3 GOL H . -23.36 -8.81 7.82
C1 GOL I . -37.89 -17.65 16.57
O1 GOL I . -37.43 -17.18 15.33
C2 GOL I . -37.86 -19.16 16.54
O2 GOL I . -36.81 -19.60 15.72
C3 GOL I . -37.66 -19.73 17.94
O3 GOL I . -37.25 -21.08 17.82
H11 GOL I . -38.91 -17.29 16.75
H12 GOL I . -37.25 -17.27 17.38
HO1 GOL I . -37.50 -16.20 15.30
H2 GOL I . -38.82 -19.53 16.15
HO2 GOL I . -35.96 -19.30 16.10
H31 GOL I . -36.88 -19.16 18.47
H32 GOL I . -38.58 -19.67 18.51
HO3 GOL I . -37.13 -21.46 18.71
C1 GOL J . -36.29 -29.31 15.67
O1 GOL J . -36.71 -28.56 14.54
C2 GOL J . -35.70 -28.40 16.74
O2 GOL J . -35.72 -27.06 16.32
C3 GOL J . -34.26 -28.76 17.07
O3 GOL J . -34.21 -29.84 17.98
H11 GOL J . -35.54 -30.04 15.36
H12 GOL J . -37.14 -29.86 16.08
HO1 GOL J . -37.02 -29.16 13.84
H2 GOL J . -36.30 -28.50 17.65
HO2 GOL J . -35.36 -26.49 17.03
H31 GOL J . -33.76 -27.88 17.50
H32 GOL J . -33.74 -29.03 16.15
HO3 GOL J . -33.55 -29.64 18.68
C1 GOL K . -36.93 -26.32 5.75
O1 GOL K . -36.40 -25.65 4.64
C2 GOL K . -35.93 -26.40 6.92
O2 GOL K . -35.60 -25.11 7.39
C3 GOL K . -34.67 -27.12 6.48
O3 GOL K . -34.99 -28.51 6.44
H11 GOL K . -37.20 -27.34 5.45
H12 GOL K . -37.83 -25.82 6.09
HO1 GOL K . -37.04 -25.68 3.90
H2 GOL K . -36.39 -26.97 7.72
HO2 GOL K . -34.98 -25.21 8.15
H31 GOL K . -33.87 -26.94 7.20
H32 GOL K . -34.35 -26.78 5.50
HO3 GOL K . -34.86 -28.84 5.53
C1 GOL L . -27.90 -12.58 27.70
O1 GOL L . -28.12 -11.71 28.81
C2 GOL L . -27.36 -13.93 28.17
O2 GOL L . -28.17 -14.40 29.24
C3 GOL L . -27.30 -14.98 27.07
O3 GOL L . -26.15 -15.82 27.17
H11 GOL L . -27.18 -12.12 27.02
H12 GOL L . -28.83 -12.73 27.16
HO1 GOL L . -28.41 -10.84 28.48
H2 GOL L . -26.34 -13.78 28.55
HO2 GOL L . -29.07 -14.57 28.89
H31 GOL L . -27.30 -14.49 26.10
H32 GOL L . -28.21 -15.60 27.12
HO3 GOL L . -26.28 -16.46 27.90
C1 GOL M . -18.40 -40.57 9.29
O1 GOL M . -18.32 -39.79 10.48
C2 GOL M . -17.12 -41.40 9.09
O2 GOL M . -16.19 -41.17 10.13
C3 GOL M . -16.52 -41.13 7.71
O3 GOL M . -15.10 -41.14 7.64
H11 GOL M . -18.55 -39.92 8.43
H12 GOL M . -19.26 -41.24 9.35
HO1 GOL M . -19.11 -39.22 10.55
H2 GOL M . -17.41 -42.45 9.12
HO2 GOL M . -15.42 -41.76 10.02
H31 GOL M . -16.87 -40.16 7.36
H32 GOL M . -16.90 -41.88 7.02
HO3 GOL M . -14.81 -41.63 6.84
C1 GOL N . -11.45 -3.59 -5.21
O1 GOL N . -10.74 -2.34 -5.30
C2 GOL N . -12.81 -3.38 -4.55
O2 GOL N . -12.98 -2.00 -4.23
C3 GOL N . -13.86 -4.00 -5.49
O3 GOL N . -15.20 -3.77 -5.12
H11 GOL N . -10.86 -4.30 -4.62
H12 GOL N . -11.58 -4.00 -6.21
HO1 GOL N . -9.84 -2.49 -5.67
H2 GOL N . -12.81 -3.96 -3.63
HO2 GOL N . -12.97 -1.46 -5.04
H31 GOL N . -13.70 -3.62 -6.49
H32 GOL N . -13.69 -5.08 -5.53
HO3 GOL N . -15.59 -3.10 -5.72
S SO4 O . -15.73 -3.56 15.29
O1 SO4 O . -16.17 -4.28 14.09
O2 SO4 O . -14.87 -2.43 14.94
O3 SO4 O . -14.94 -4.45 16.14
O4 SO4 O . -16.91 -3.07 16.00
S SO4 P . -10.88 -24.86 28.34
O1 SO4 P . -10.78 -24.20 27.05
O2 SO4 P . -10.56 -26.29 28.22
O3 SO4 P . -12.23 -24.75 28.87
O4 SO4 P . -9.94 -24.20 29.26
C1 GOL Q . -30.90 30.39 -13.26
O1 GOL Q . -31.94 30.08 -12.38
C2 GOL Q . -29.87 31.41 -12.79
O2 GOL Q . -30.30 32.72 -13.10
C3 GOL Q . -28.54 31.12 -13.46
O3 GOL Q . -27.48 31.72 -12.76
H11 GOL Q . -31.34 30.75 -14.19
H12 GOL Q . -30.37 29.47 -13.50
HO1 GOL Q . -32.56 29.46 -12.83
H2 GOL Q . -29.75 31.32 -11.71
HO2 GOL Q . -29.63 33.37 -12.79
H31 GOL Q . -28.38 30.05 -13.50
H32 GOL Q . -28.56 31.50 -14.49
HO3 GOL Q . -27.81 32.49 -12.24
C1 GOL R . -22.90 10.98 -3.71
O1 GOL R . -21.74 11.65 -4.10
C2 GOL R . -22.76 10.60 -2.25
O2 GOL R . -21.65 11.31 -1.71
C3 GOL R . -24.04 10.96 -1.53
O3 GOL R . -24.24 12.36 -1.63
H11 GOL R . -23.78 11.62 -3.85
H12 GOL R . -23.04 10.07 -4.31
HO1 GOL R . -21.79 11.85 -5.06
H2 GOL R . -22.59 9.53 -2.17
HO2 GOL R . -21.81 12.27 -1.80
H31 GOL R . -24.88 10.43 -1.99
H32 GOL R . -23.98 10.66 -0.49
HO3 GOL R . -24.03 12.78 -0.77
C1 GOL S . -2.05 23.59 0.41
O1 GOL S . -3.03 23.70 -0.55
C2 GOL S . -0.59 23.83 -0.02
O2 GOL S . -0.32 25.18 -0.51
C3 GOL S . 0.28 23.64 1.23
O3 GOL S . 0.85 22.38 1.35
H11 GOL S . -2.11 22.60 0.85
H12 GOL S . -2.27 24.30 1.21
HO1 GOL S . -3.90 23.46 -0.16
H2 GOL S . -0.30 23.09 -0.78
HO2 GOL S . -0.55 25.82 0.18
H31 GOL S . 1.07 24.38 1.22
H32 GOL S . -0.33 23.84 2.11
HO3 GOL S . 0.52 21.94 2.16
C1 GOL T . -3.79 40.13 -4.63
O1 GOL T . -2.94 39.01 -4.40
C2 GOL T . -3.61 41.23 -3.59
O2 GOL T . -4.32 40.89 -2.41
C3 GOL T . -2.14 41.40 -3.25
O3 GOL T . -1.95 42.26 -2.17
H11 GOL T . -4.82 39.80 -4.63
H12 GOL T . -3.58 40.54 -5.62
HO1 GOL T . -3.14 38.31 -5.07
H2 GOL T . -3.99 42.16 -3.99
HO2 GOL T . -3.97 40.06 -2.04
H31 GOL T . -1.62 41.79 -4.13
H32 GOL T . -1.71 40.42 -3.02
HO3 GOL T . -1.14 42.00 -1.68
C1 GOL U . -15.83 37.76 8.93
O1 GOL U . -16.07 36.48 8.39
C2 GOL U . -14.34 38.04 8.98
O2 GOL U . -14.09 39.40 8.69
C3 GOL U . -13.76 37.63 10.34
O3 GOL U . -14.46 38.18 11.43
H11 GOL U . -16.25 37.82 9.92
H12 GOL U . -16.33 38.52 8.30
HO1 GOL U . -17.04 36.28 8.41
H2 GOL U . -13.87 37.43 8.21
HO2 GOL U . -14.49 39.96 9.40
H31 GOL U . -12.72 37.94 10.39
H32 GOL U . -13.78 36.54 10.42
HO3 GOL U . -14.27 37.65 12.24
C1 GOL V . -13.09 15.79 -4.47
O1 GOL V . -12.39 16.35 -3.35
C2 GOL V . -12.13 15.25 -5.55
O2 GOL V . -12.77 14.29 -6.40
C3 GOL V . -10.92 14.62 -4.87
O3 GOL V . -10.11 13.99 -5.85
H11 GOL V . -13.72 14.98 -4.12
H12 GOL V . -13.72 16.54 -4.91
HO1 GOL V . -13.04 16.73 -2.73
H2 GOL V . -11.79 16.09 -6.15
HO2 GOL V . -12.13 14.00 -7.08
H31 GOL V . -11.24 13.90 -4.13
H32 GOL V . -10.34 15.39 -4.37
HO3 GOL V . -9.19 13.94 -5.52
S SO4 W . -28.93 26.69 3.24
O1 SO4 W . -30.15 27.08 2.55
O2 SO4 W . -28.25 25.65 2.48
O3 SO4 W . -29.26 26.14 4.55
O4 SO4 W . -28.07 27.89 3.31
S SO4 X . -4.69 20.41 8.17
O1 SO4 X . -4.31 20.39 6.73
O2 SO4 X . -3.96 19.36 8.90
O3 SO4 X . -6.13 20.14 8.31
O4 SO4 X . -4.36 21.72 8.73
S SO4 Y . -5.89 44.77 -1.76
O1 SO4 Y . -6.48 45.55 -2.86
O2 SO4 Y . -6.13 43.34 -2.04
O3 SO4 Y . -6.55 45.13 -0.50
O4 SO4 Y . -4.46 45.00 -1.65
S SO4 Z . 7.50 9.27 -4.78
O1 SO4 Z . 6.34 8.91 -5.61
O2 SO4 Z . 8.64 9.33 -5.67
O3 SO4 Z . 7.81 8.24 -3.76
O4 SO4 Z . 7.28 10.60 -4.16
CL CL AA . 0.56 43.01 -9.41
CL CL BA . -36.38 25.56 -2.91
C1 GOL CA . 11.22 6.37 -4.08
O1 GOL CA . 10.10 7.01 -4.70
C2 GOL CA . 10.79 5.17 -3.24
O2 GOL CA . 9.65 4.55 -3.77
C3 GOL CA . 10.41 5.65 -1.85
O3 GOL CA . 10.40 4.52 -1.02
H11 GOL CA . 11.75 7.09 -3.44
H12 GOL CA . 11.91 6.04 -4.86
HO1 GOL CA . 10.40 7.81 -5.17
H2 GOL CA . 11.63 4.46 -3.17
HO2 GOL CA . 9.39 3.81 -3.20
H31 GOL CA . 11.13 6.39 -1.49
H32 GOL CA . 9.42 6.11 -1.87
HO3 GOL CA . 11.29 4.09 -1.08
C1 GOL DA . 24.56 11.29 4.86
O1 GOL DA . 24.64 12.28 3.89
C2 GOL DA . 23.99 10.08 4.15
O2 GOL DA . 25.05 9.27 3.64
C3 GOL DA . 22.94 9.38 5.06
O3 GOL DA . 23.42 8.14 5.56
H11 GOL DA . 23.90 11.60 5.68
H12 GOL DA . 25.55 11.06 5.27
HO1 GOL DA . 24.94 13.12 4.31
H2 GOL DA . 23.44 10.46 3.30
HO2 GOL DA . 25.55 8.88 4.38
H31 GOL DA . 22.03 9.21 4.49
H32 GOL DA . 22.70 10.03 5.89
HO3 GOL DA . 23.09 7.41 4.99
S SO4 EA . 10.33 1.00 19.57
O1 SO4 EA . 10.92 0.14 18.54
O2 SO4 EA . 10.69 2.40 19.34
O3 SO4 EA . 8.86 0.89 19.53
O4 SO4 EA . 10.83 0.62 20.89
S SO4 FA . 29.40 -9.98 27.14
O1 SO4 FA . 29.22 -11.36 26.69
O2 SO4 FA . 30.67 -9.46 26.67
O3 SO4 FA . 28.31 -9.16 26.62
O4 SO4 FA . 29.40 -9.99 28.60
S SO4 GA . 4.06 -10.46 2.45
O1 SO4 GA . 3.86 -9.56 1.31
O2 SO4 GA . 3.91 -11.86 1.99
O3 SO4 GA . 3.05 -10.14 3.47
O4 SO4 GA . 5.39 -10.30 3.05
S SO4 HA . 19.66 15.96 5.09
O1 SO4 HA . 18.94 17.01 4.36
O2 SO4 HA . 20.42 15.12 4.14
O3 SO4 HA . 18.68 15.08 5.74
O4 SO4 HA . 20.51 16.60 6.11
S SO4 IA . 45.53 4.00 4.29
O1 SO4 IA . 44.77 3.70 3.06
O2 SO4 IA . 46.95 4.15 3.95
O3 SO4 IA . 45.42 2.89 5.26
O4 SO4 IA . 45.01 5.23 4.88
S SO4 JA . 29.02 18.04 19.85
O1 SO4 JA . 28.46 17.37 18.66
O2 SO4 JA . 30.23 18.76 19.48
O3 SO4 JA . 29.36 17.03 20.86
O4 SO4 JA . 28.02 18.98 20.38
#